data_4XSO
#
_entry.id   4XSO
#
_cell.length_a   78.289
_cell.length_b   133.469
_cell.length_c   142.812
_cell.angle_alpha   90.00
_cell.angle_beta   90.00
_cell.angle_gamma   90.00
#
_symmetry.space_group_name_H-M   'C 2 2 21'
#
loop_
_entity.id
_entity.type
_entity.pdbx_description
1 polymer 'Alr3699 protein'
2 non-polymer GLYCEROL
3 water water
#
_entity_poly.entity_id   1
_entity_poly.type   'polypeptide(L)'
_entity_poly.pdbx_seq_one_letter_code
;HHHHHHMKILFLDQSGKPGGAELCLIDIAKPYRDRALVGLFADGAFKTLLEQHHIPVEVFTNQPIQVRKQSNLLQAFGSL
GQLAPLVAKVVQTAHEYDLIYANTQKALVVGAIASFIARRPLVYHLHDILSPEHFSQTNLRVAVNLANRFASLVIANSQA
SQTAFIQAGGRAELTKVIYNGFDINLYKTSPSDISKLRQQLGVANNFVVGHFSRLSPWKGQHILIDALAQCPPQVTAILV
GDALFGEQDYVKELHQQITRLGLENRVKFLGFRADIPQLMAACDLVAHTSTAPEPFGRVIVEAMLCGKPVVAAKAGGAME
LVEHGVNGFLTTPGESQELANIINTCIEDTQKTATIASNAQAIASQRFDVVTINQQIAETLSSLGFTR
;
_entity_poly.pdbx_strand_id   B,A
#
loop_
_chem_comp.id
_chem_comp.type
_chem_comp.name
_chem_comp.formula
GOL non-polymer GLYCEROL 'C3 H8 O3'
#
# COMPACT_ATOMS: atom_id res chain seq x y z
N MET A 7 13.38 -20.90 8.46
CA MET A 7 12.98 -19.47 8.35
C MET A 7 13.73 -18.81 7.18
N LYS A 8 13.00 -18.51 6.12
CA LYS A 8 13.49 -17.63 5.04
C LYS A 8 13.14 -16.18 5.31
N ILE A 9 14.15 -15.31 5.16
CA ILE A 9 13.96 -13.90 5.42
C ILE A 9 13.99 -13.07 4.18
N LEU A 10 12.99 -12.18 4.03
CA LEU A 10 13.03 -11.19 3.07
C LEU A 10 13.40 -9.85 3.76
N PHE A 11 14.61 -9.40 3.52
CA PHE A 11 15.17 -8.16 4.06
C PHE A 11 14.80 -7.14 3.04
N LEU A 12 14.42 -5.96 3.52
CA LEU A 12 14.10 -4.86 2.65
C LEU A 12 14.82 -3.61 3.05
N ASP A 13 15.32 -2.89 2.05
CA ASP A 13 16.09 -1.71 2.36
C ASP A 13 15.97 -0.69 1.22
N GLN A 14 15.68 0.57 1.55
CA GLN A 14 15.26 1.51 0.50
C GLN A 14 16.43 1.97 -0.37
N SER A 15 17.64 1.88 0.13
CA SER A 15 18.79 2.46 -0.56
C SER A 15 19.67 1.54 -1.42
N GLY A 16 20.09 2.08 -2.57
CA GLY A 16 21.19 1.58 -3.39
C GLY A 16 22.60 1.92 -2.92
N LYS A 17 22.73 2.70 -1.85
CA LYS A 17 24.03 3.19 -1.37
C LYS A 17 24.43 2.63 -0.02
N PRO A 18 25.71 2.28 0.13
CA PRO A 18 26.06 1.65 1.41
C PRO A 18 26.21 2.62 2.61
N GLY A 19 25.11 3.18 3.12
CA GLY A 19 25.16 3.93 4.40
C GLY A 19 25.35 3.03 5.61
N GLY A 20 25.26 3.61 6.80
CA GLY A 20 25.51 2.82 8.01
C GLY A 20 24.58 1.61 8.15
N ALA A 21 23.30 1.84 7.89
CA ALA A 21 22.30 0.82 8.01
C ALA A 21 22.53 -0.35 6.99
N GLU A 22 22.98 -0.02 5.79
CA GLU A 22 23.20 -1.00 4.74
C GLU A 22 24.40 -1.91 5.08
N LEU A 23 25.49 -1.32 5.55
CA LEU A 23 26.65 -2.05 6.02
C LEU A 23 26.29 -2.96 7.16
N CYS A 24 25.48 -2.45 8.10
CA CYS A 24 25.02 -3.30 9.22
C CYS A 24 24.19 -4.49 8.67
N LEU A 25 23.38 -4.24 7.65
CA LEU A 25 22.55 -5.28 7.05
C LEU A 25 23.41 -6.38 6.39
N ILE A 26 24.59 -6.04 5.87
CA ILE A 26 25.52 -7.10 5.36
C ILE A 26 25.74 -8.16 6.45
N ASP A 27 26.14 -7.65 7.62
CA ASP A 27 26.46 -8.43 8.81
C ASP A 27 25.25 -9.15 9.37
N ILE A 28 24.11 -8.50 9.36
CA ILE A 28 22.87 -9.17 9.86
C ILE A 28 22.44 -10.33 8.93
N ALA A 29 22.55 -10.11 7.62
CA ALA A 29 22.13 -11.03 6.60
C ALA A 29 23.05 -12.24 6.30
N LYS A 30 24.34 -12.10 6.52
CA LYS A 30 25.27 -13.14 6.13
C LYS A 30 24.96 -14.51 6.67
N PRO A 31 24.58 -14.63 7.97
CA PRO A 31 24.24 -15.91 8.54
C PRO A 31 23.03 -16.54 7.86
N TYR A 32 22.30 -15.73 7.09
CA TYR A 32 21.00 -16.22 6.53
C TYR A 32 21.07 -16.28 5.01
N ARG A 33 22.28 -16.11 4.47
CA ARG A 33 22.39 -15.89 3.10
C ARG A 33 21.97 -17.10 2.23
N ASP A 34 21.84 -18.30 2.77
CA ASP A 34 21.29 -19.43 1.99
C ASP A 34 19.75 -19.47 2.04
N ARG A 35 19.15 -18.57 2.81
CA ARG A 35 17.71 -18.58 2.97
C ARG A 35 17.18 -17.14 3.13
N ALA A 36 17.79 -16.23 2.41
CA ALA A 36 17.34 -14.84 2.43
C ALA A 36 17.48 -14.18 1.11
N LEU A 37 16.78 -13.04 0.95
CA LEU A 37 16.82 -12.16 -0.18
C LEU A 37 16.83 -10.74 0.37
N VAL A 38 17.73 -9.89 -0.10
CA VAL A 38 17.63 -8.45 0.15
C VAL A 38 16.96 -7.71 -1.04
N GLY A 39 15.80 -7.17 -0.80
CA GLY A 39 15.08 -6.37 -1.75
C GLY A 39 15.48 -4.90 -1.54
N LEU A 40 16.06 -4.31 -2.56
CA LEU A 40 16.35 -2.91 -2.55
C LEU A 40 15.31 -2.11 -3.37
N PHE A 41 15.11 -0.86 -3.01
CA PHE A 41 14.24 0.00 -3.81
C PHE A 41 14.99 0.85 -4.84
N ALA A 42 16.31 0.84 -4.79
CA ALA A 42 17.15 1.54 -5.78
C ALA A 42 18.36 0.66 -6.04
N ASP A 43 18.82 0.65 -7.29
CA ASP A 43 20.10 0.08 -7.68
C ASP A 43 21.21 1.03 -7.26
N GLY A 44 22.43 0.50 -7.16
CA GLY A 44 23.58 1.26 -6.69
C GLY A 44 24.73 0.37 -6.25
N ALA A 45 25.70 0.99 -5.59
CA ALA A 45 26.86 0.29 -5.04
C ALA A 45 26.53 -0.74 -3.97
N PHE A 46 25.36 -0.63 -3.34
CA PHE A 46 25.05 -1.52 -2.23
C PHE A 46 24.71 -2.93 -2.75
N LYS A 47 24.08 -2.94 -3.91
CA LYS A 47 23.73 -4.12 -4.61
C LYS A 47 24.98 -4.90 -4.92
N THR A 48 25.96 -4.18 -5.47
CA THR A 48 27.27 -4.81 -5.80
C THR A 48 27.95 -5.41 -4.55
N LEU A 49 27.95 -4.65 -3.45
CA LEU A 49 28.54 -5.16 -2.19
C LEU A 49 27.82 -6.43 -1.66
N LEU A 50 26.48 -6.48 -1.84
CA LEU A 50 25.71 -7.66 -1.45
C LEU A 50 26.13 -8.84 -2.33
N GLU A 51 26.24 -8.63 -3.61
CA GLU A 51 26.69 -9.69 -4.50
C GLU A 51 28.11 -10.15 -4.15
N GLN A 52 28.99 -9.21 -3.87
CA GLN A 52 30.36 -9.57 -3.45
C GLN A 52 30.35 -10.45 -2.21
N HIS A 53 29.30 -10.35 -1.40
CA HIS A 53 29.21 -11.15 -0.19
C HIS A 53 28.29 -12.36 -0.37
N HIS A 54 27.92 -12.70 -1.61
CA HIS A 54 27.02 -13.83 -1.93
C HIS A 54 25.61 -13.71 -1.29
N ILE A 55 25.15 -12.47 -1.09
CA ILE A 55 23.85 -12.27 -0.51
C ILE A 55 22.91 -12.01 -1.67
N PRO A 56 21.85 -12.83 -1.80
CA PRO A 56 20.96 -12.60 -2.90
C PRO A 56 20.34 -11.21 -2.79
N VAL A 57 20.21 -10.56 -3.93
CA VAL A 57 19.71 -9.17 -3.95
C VAL A 57 18.86 -8.99 -5.17
N GLU A 58 17.80 -8.22 -5.01
CA GLU A 58 16.86 -7.87 -6.08
C GLU A 58 16.45 -6.42 -5.91
N VAL A 59 16.31 -5.74 -7.04
CA VAL A 59 15.91 -4.34 -6.99
C VAL A 59 14.44 -4.30 -7.39
N PHE A 60 13.57 -3.77 -6.53
CA PHE A 60 12.14 -3.66 -6.86
C PHE A 60 11.86 -2.24 -7.33
N THR A 61 11.21 -2.09 -8.48
CA THR A 61 10.96 -0.75 -9.00
C THR A 61 9.50 -0.61 -9.18
N ASN A 62 9.10 0.64 -9.42
CA ASN A 62 7.72 0.91 -9.71
C ASN A 62 7.28 0.72 -11.18
N GLN A 63 8.00 -0.10 -11.95
CA GLN A 63 7.59 -0.46 -13.32
C GLN A 63 6.48 -1.52 -13.42
N PRO A 64 5.66 -1.45 -14.49
CA PRO A 64 4.41 -2.21 -14.55
C PRO A 64 4.59 -3.74 -14.49
N SER A 79 -2.83 -10.68 -9.71
CA SER A 79 -2.35 -9.92 -8.59
C SER A 79 -3.15 -8.62 -8.39
N LEU A 80 -3.42 -7.90 -9.49
CA LEU A 80 -3.87 -6.48 -9.48
C LEU A 80 -2.85 -5.55 -8.79
N GLY A 81 -1.56 -5.84 -9.06
CA GLY A 81 -0.47 -4.96 -8.74
C GLY A 81 -0.27 -3.79 -9.68
N GLN A 82 -0.88 -3.79 -10.88
CA GLN A 82 -0.98 -2.52 -11.68
C GLN A 82 -1.41 -1.28 -10.86
N LEU A 83 -2.17 -1.49 -9.79
CA LEU A 83 -2.43 -0.41 -8.81
C LEU A 83 -1.15 0.18 -8.13
N ALA A 84 -0.19 -0.67 -7.78
CA ALA A 84 1.01 -0.23 -7.04
C ALA A 84 2.08 -1.29 -7.26
N PRO A 85 2.77 -1.22 -8.41
CA PRO A 85 3.48 -2.43 -8.86
C PRO A 85 4.71 -2.77 -7.96
N LEU A 86 5.36 -1.74 -7.45
CA LEU A 86 6.38 -1.91 -6.40
C LEU A 86 5.88 -2.72 -5.25
N VAL A 87 4.81 -2.25 -4.60
CA VAL A 87 4.17 -3.01 -3.52
C VAL A 87 3.76 -4.44 -3.94
N ALA A 88 3.17 -4.57 -5.11
CA ALA A 88 2.72 -5.83 -5.59
C ALA A 88 3.84 -6.83 -5.83
N LYS A 89 4.96 -6.35 -6.35
CA LYS A 89 6.17 -7.16 -6.43
C LYS A 89 6.70 -7.65 -5.06
N VAL A 90 6.75 -6.72 -4.10
CA VAL A 90 7.22 -7.03 -2.77
C VAL A 90 6.28 -8.11 -2.17
N VAL A 91 4.97 -7.90 -2.29
CA VAL A 91 4.00 -8.86 -1.74
C VAL A 91 4.15 -10.24 -2.32
N GLN A 92 4.29 -10.29 -3.62
CA GLN A 92 4.42 -11.51 -4.39
C GLN A 92 5.70 -12.20 -3.94
N THR A 93 6.80 -11.47 -3.80
CA THR A 93 8.06 -12.05 -3.29
C THR A 93 7.92 -12.67 -1.85
N ALA A 94 7.23 -11.91 -1.02
CA ALA A 94 7.00 -12.23 0.37
C ALA A 94 6.30 -13.54 0.65
N HIS A 95 5.43 -13.96 -0.28
CA HIS A 95 4.76 -15.26 -0.22
C HIS A 95 5.80 -16.39 -0.08
N GLU A 96 6.93 -16.25 -0.75
CA GLU A 96 8.01 -17.26 -0.71
C GLU A 96 8.90 -17.20 0.52
N TYR A 97 8.68 -16.22 1.39
CA TYR A 97 9.53 -16.04 2.57
C TYR A 97 8.67 -16.16 3.82
N ASP A 98 9.30 -16.32 4.98
CA ASP A 98 8.57 -16.53 6.21
C ASP A 98 8.52 -15.30 7.12
N LEU A 99 9.33 -14.30 6.83
CA LEU A 99 9.45 -13.15 7.63
C LEU A 99 10.00 -11.98 6.77
N ILE A 100 9.52 -10.77 7.05
CA ILE A 100 9.93 -9.59 6.35
C ILE A 100 10.68 -8.74 7.35
N TYR A 101 11.91 -8.33 6.97
CA TYR A 101 12.79 -7.61 7.90
C TYR A 101 13.15 -6.29 7.23
N ALA A 102 12.43 -5.25 7.64
CA ALA A 102 12.59 -3.89 7.08
C ALA A 102 13.66 -3.13 7.84
N ASN A 103 14.61 -2.61 7.06
CA ASN A 103 15.82 -2.02 7.56
C ASN A 103 15.91 -0.49 7.45
N THR A 104 14.89 0.14 6.87
CA THR A 104 14.87 1.58 6.66
C THR A 104 13.42 1.98 6.64
N GLN A 105 13.17 3.30 6.69
CA GLN A 105 11.78 3.79 6.80
C GLN A 105 10.82 3.48 5.68
N LYS A 106 11.22 3.77 4.47
CA LYS A 106 10.40 3.37 3.34
C LYS A 106 10.24 1.87 3.23
N ALA A 107 11.21 1.10 3.69
CA ALA A 107 11.07 -0.38 3.60
C ALA A 107 10.02 -0.78 4.61
N LEU A 108 9.93 -0.02 5.70
CA LEU A 108 8.95 -0.29 6.75
C LEU A 108 7.50 0.01 6.23
N VAL A 109 7.36 1.05 5.46
CA VAL A 109 6.05 1.34 4.88
C VAL A 109 5.57 0.26 3.93
N VAL A 110 6.42 -0.04 2.95
CA VAL A 110 6.12 -1.08 2.01
C VAL A 110 6.06 -2.43 2.69
N GLY A 111 7.01 -2.69 3.59
CA GLY A 111 7.01 -3.99 4.25
C GLY A 111 5.78 -4.22 5.11
N ALA A 112 5.25 -3.15 5.71
CA ALA A 112 4.00 -3.23 6.52
C ALA A 112 2.78 -3.63 5.69
N ILE A 113 2.67 -3.01 4.54
CA ILE A 113 1.61 -3.38 3.57
C ILE A 113 1.77 -4.80 3.10
N ALA A 114 3.00 -5.17 2.75
CA ALA A 114 3.26 -6.52 2.28
C ALA A 114 3.03 -7.52 3.36
N SER A 115 3.31 -7.10 4.59
CA SER A 115 3.20 -8.02 5.70
C SER A 115 1.75 -8.53 5.89
N PHE A 116 0.80 -7.64 5.91
CA PHE A 116 -0.52 -8.17 6.14
C PHE A 116 -1.07 -8.81 4.88
N ILE A 117 -0.83 -8.24 3.70
CA ILE A 117 -1.35 -8.84 2.47
C ILE A 117 -0.84 -10.22 2.21
N ALA A 118 0.43 -10.52 2.52
CA ALA A 118 1.00 -11.85 2.24
C ALA A 118 0.89 -12.71 3.45
N ARG A 119 0.55 -12.11 4.59
CA ARG A 119 0.37 -12.85 5.88
C ARG A 119 1.69 -13.34 6.40
N ARG A 120 2.64 -12.41 6.56
CA ARG A 120 3.95 -12.77 7.10
C ARG A 120 4.34 -11.81 8.21
N PRO A 121 4.96 -12.30 9.29
CA PRO A 121 5.36 -11.31 10.31
C PRO A 121 6.43 -10.30 9.80
N LEU A 122 6.53 -9.18 10.49
CA LEU A 122 7.37 -8.09 10.13
C LEU A 122 8.20 -7.70 11.36
N VAL A 123 9.48 -7.48 11.07
CA VAL A 123 10.45 -6.91 11.97
C VAL A 123 10.93 -5.65 11.33
N TYR A 124 10.98 -4.59 12.10
CA TYR A 124 11.55 -3.35 11.72
C TYR A 124 12.86 -3.16 12.54
N HIS A 125 13.97 -3.00 11.86
CA HIS A 125 15.25 -2.63 12.48
C HIS A 125 15.49 -1.19 12.28
N LEU A 126 15.42 -0.46 13.37
CA LEU A 126 15.41 0.98 13.39
C LEU A 126 16.86 1.39 13.56
N HIS A 127 17.42 2.01 12.53
CA HIS A 127 18.76 2.49 12.58
C HIS A 127 18.82 4.02 12.72
N ASP A 128 17.67 4.70 12.75
CA ASP A 128 17.63 6.18 12.78
C ASP A 128 17.16 6.66 14.15
N ILE A 129 17.54 7.89 14.47
CA ILE A 129 16.91 8.66 15.55
C ILE A 129 15.76 9.37 14.83
N LEU A 130 14.53 8.99 15.15
CA LEU A 130 13.32 9.50 14.55
C LEU A 130 13.03 10.93 15.07
N SER A 131 13.90 11.86 14.74
CA SER A 131 13.72 13.24 15.23
C SER A 131 12.93 14.10 14.22
N PRO A 132 12.00 14.91 14.73
CA PRO A 132 11.32 15.87 13.87
C PRO A 132 12.23 16.95 13.31
N GLU A 133 13.50 17.01 13.72
CA GLU A 133 14.48 17.89 13.07
C GLU A 133 15.04 17.32 11.78
N HIS A 134 15.03 15.99 11.63
CA HIS A 134 15.61 15.37 10.44
C HIS A 134 14.63 14.55 9.58
N PHE A 135 13.37 14.44 9.99
CA PHE A 135 12.38 13.73 9.24
C PHE A 135 11.11 14.52 9.35
N SER A 136 10.32 14.57 8.29
CA SER A 136 9.09 15.32 8.34
C SER A 136 8.16 14.61 9.26
N GLN A 137 7.23 15.35 9.84
CA GLN A 137 6.28 14.79 10.78
C GLN A 137 5.44 13.73 10.09
N THR A 138 5.05 13.99 8.85
CA THR A 138 4.31 13.01 8.08
C THR A 138 5.00 11.66 8.08
N ASN A 139 6.25 11.62 7.62
CA ASN A 139 7.02 10.39 7.59
C ASN A 139 7.09 9.77 8.98
N LEU A 140 7.26 10.58 10.01
CA LEU A 140 7.36 10.05 11.37
C LEU A 140 6.07 9.41 11.83
N ARG A 141 4.96 10.13 11.66
CA ARG A 141 3.64 9.61 12.02
C ARG A 141 3.35 8.27 11.29
N VAL A 142 3.65 8.20 10.01
CA VAL A 142 3.37 7.05 9.19
C VAL A 142 4.22 5.87 9.67
N ALA A 143 5.52 6.07 9.73
CA ALA A 143 6.44 5.08 10.27
C ALA A 143 6.03 4.55 11.65
N VAL A 144 5.80 5.44 12.61
CA VAL A 144 5.42 5.03 13.93
C VAL A 144 4.12 4.20 13.91
N ASN A 145 3.14 4.72 13.21
CA ASN A 145 1.84 4.07 13.21
C ASN A 145 1.91 2.66 12.57
N LEU A 146 2.58 2.55 11.45
CA LEU A 146 2.68 1.27 10.80
C LEU A 146 3.47 0.29 11.69
N ALA A 147 4.53 0.77 12.28
CA ALA A 147 5.34 -0.11 13.16
C ALA A 147 4.48 -0.62 14.29
N ASN A 148 3.75 0.31 14.93
CA ASN A 148 2.94 -0.02 16.08
C ASN A 148 1.88 -1.02 15.72
N ARG A 149 1.33 -0.89 14.54
CA ARG A 149 0.23 -1.79 14.20
C ARG A 149 0.69 -3.13 13.58
N PHE A 150 1.75 -3.10 12.80
CA PHE A 150 2.06 -4.32 12.00
C PHE A 150 3.31 -5.03 12.38
N ALA A 151 4.20 -4.31 13.05
CA ALA A 151 5.51 -4.95 13.36
C ALA A 151 5.41 -5.82 14.59
N SER A 152 5.92 -7.05 14.54
CA SER A 152 6.01 -7.89 15.67
C SER A 152 7.10 -7.45 16.63
N LEU A 153 8.08 -6.70 16.13
CA LEU A 153 9.26 -6.40 16.89
C LEU A 153 9.92 -5.18 16.21
N VAL A 154 10.45 -4.27 17.02
CA VAL A 154 11.21 -3.14 16.51
C VAL A 154 12.60 -3.24 17.14
N ILE A 155 13.61 -3.53 16.33
CA ILE A 155 14.99 -3.65 16.82
C ILE A 155 15.61 -2.31 16.72
N ALA A 156 16.08 -1.77 17.83
CA ALA A 156 16.71 -0.44 17.82
C ALA A 156 18.22 -0.57 18.03
N ASN A 157 19.01 0.19 17.28
CA ASN A 157 20.47 0.08 17.30
C ASN A 157 21.09 0.77 18.49
N SER A 158 20.26 1.41 19.29
CA SER A 158 20.75 2.08 20.47
C SER A 158 19.58 2.51 21.35
N GLN A 159 19.85 2.67 22.64
CA GLN A 159 18.92 3.37 23.55
C GLN A 159 18.41 4.75 23.06
N ALA A 160 19.27 5.52 22.41
CA ALA A 160 18.94 6.81 21.79
C ALA A 160 17.89 6.67 20.66
N SER A 161 18.07 5.67 19.79
CA SER A 161 17.11 5.39 18.76
C SER A 161 15.83 4.89 19.40
N GLN A 162 15.95 4.03 20.38
CA GLN A 162 14.77 3.45 21.01
C GLN A 162 13.98 4.55 21.69
N THR A 163 14.67 5.42 22.39
CA THR A 163 13.97 6.53 23.12
C THR A 163 13.30 7.47 22.12
N ALA A 164 13.98 7.81 21.03
CA ALA A 164 13.33 8.69 20.01
C ALA A 164 12.07 8.05 19.36
N PHE A 165 12.06 6.72 19.16
CA PHE A 165 10.91 6.04 18.60
C PHE A 165 9.73 6.09 19.52
N ILE A 166 10.01 5.89 20.81
CA ILE A 166 9.00 6.00 21.83
C ILE A 166 8.43 7.43 21.96
N GLN A 167 9.28 8.44 21.94
CA GLN A 167 8.85 9.85 22.11
C GLN A 167 8.02 10.33 20.95
N ALA A 168 8.20 9.71 19.79
CA ALA A 168 7.42 9.96 18.61
C ALA A 168 6.12 9.18 18.59
N GLY A 169 5.79 8.47 19.66
CA GLY A 169 4.54 7.72 19.73
C GLY A 169 4.72 6.20 19.49
N GLY A 170 5.94 5.71 19.28
CA GLY A 170 6.12 4.27 19.14
C GLY A 170 5.86 3.51 20.43
N ARG A 171 5.38 2.31 20.26
CA ARG A 171 5.05 1.45 21.39
C ARG A 171 6.34 0.86 22.00
N ALA A 172 6.62 1.31 23.22
CA ALA A 172 7.83 0.97 23.90
C ALA A 172 7.99 -0.56 24.08
N GLU A 173 6.90 -1.30 24.29
CA GLU A 173 6.95 -2.72 24.56
C GLU A 173 7.32 -3.57 23.30
N LEU A 174 7.33 -2.95 22.14
CA LEU A 174 7.68 -3.61 20.94
C LEU A 174 9.21 -3.59 20.73
N THR A 175 9.97 -2.83 21.55
CA THR A 175 11.31 -2.46 21.16
C THR A 175 12.29 -3.33 21.90
N LYS A 176 13.45 -3.56 21.30
CA LYS A 176 14.54 -4.24 21.91
C LYS A 176 15.78 -3.58 21.33
N VAL A 177 16.77 -3.28 22.15
CA VAL A 177 17.97 -2.68 21.68
C VAL A 177 18.96 -3.79 21.29
N ILE A 178 19.50 -3.78 20.08
CA ILE A 178 20.58 -4.72 19.69
C ILE A 178 21.57 -3.86 18.95
N TYR A 179 22.81 -3.81 19.46
CA TYR A 179 23.85 -2.92 18.95
C TYR A 179 24.39 -3.55 17.64
N ASN A 180 25.08 -2.75 16.82
CA ASN A 180 25.84 -3.21 15.66
C ASN A 180 26.97 -4.17 16.13
N GLY A 181 27.25 -5.16 15.33
CA GLY A 181 28.31 -6.13 15.67
C GLY A 181 29.49 -5.94 14.72
N PHE A 182 30.67 -6.37 15.16
CA PHE A 182 31.93 -6.25 14.45
C PHE A 182 32.79 -7.51 14.61
N ASP A 183 33.52 -7.89 13.57
CA ASP A 183 34.49 -8.97 13.71
C ASP A 183 35.69 -8.43 14.43
N ILE A 184 35.89 -8.83 15.66
CA ILE A 184 36.80 -8.04 16.54
C ILE A 184 38.27 -8.16 16.14
N ASN A 185 38.62 -9.29 15.55
CA ASN A 185 39.99 -9.58 15.08
C ASN A 185 40.39 -8.81 13.85
N LEU A 186 39.42 -8.30 13.09
CA LEU A 186 39.76 -7.36 12.05
C LEU A 186 40.35 -6.06 12.58
N TYR A 187 40.36 -5.83 13.87
CA TYR A 187 40.73 -4.53 14.36
C TYR A 187 42.09 -4.60 15.07
N LYS A 188 42.77 -5.73 14.91
CA LYS A 188 44.08 -5.92 15.50
C LYS A 188 45.14 -5.65 14.41
N THR A 189 46.11 -4.80 14.74
CA THR A 189 47.24 -4.46 13.87
C THR A 189 48.58 -4.58 14.64
N SER A 190 49.59 -5.20 14.02
CA SER A 190 50.90 -5.37 14.69
C SER A 190 51.60 -4.02 14.83
N PRO A 191 52.41 -3.91 15.86
CA PRO A 191 53.31 -2.76 16.07
C PRO A 191 54.20 -2.44 14.89
N SER A 192 54.64 -3.46 14.15
CA SER A 192 55.49 -3.19 13.01
C SER A 192 54.74 -2.68 11.76
N ASP A 193 53.48 -3.06 11.56
CA ASP A 193 52.64 -2.42 10.54
C ASP A 193 52.33 -0.95 10.93
N ILE A 194 52.06 -0.71 12.21
CA ILE A 194 51.79 0.61 12.72
C ILE A 194 52.98 1.51 12.40
N SER A 195 54.17 1.10 12.83
CA SER A 195 55.39 1.92 12.64
C SER A 195 55.64 2.21 11.19
N LYS A 196 55.45 1.21 10.31
CA LYS A 196 55.64 1.47 8.90
C LYS A 196 54.68 2.46 8.30
N LEU A 197 53.43 2.27 8.67
CA LEU A 197 52.41 3.13 8.17
C LEU A 197 52.63 4.60 8.63
N ARG A 198 52.92 4.81 9.92
CA ARG A 198 53.23 6.16 10.37
C ARG A 198 54.46 6.77 9.56
N GLN A 199 55.44 5.94 9.24
CA GLN A 199 56.60 6.34 8.46
C GLN A 199 56.21 6.79 7.09
N GLN A 200 55.43 5.98 6.36
CA GLN A 200 55.01 6.31 5.03
C GLN A 200 54.10 7.52 4.99
N LEU A 201 53.35 7.73 6.06
CA LEU A 201 52.46 8.85 6.14
C LEU A 201 53.21 10.06 6.58
N GLY A 202 54.43 9.90 7.08
CA GLY A 202 55.20 11.05 7.46
C GLY A 202 54.78 11.61 8.79
N VAL A 203 54.21 10.76 9.66
CA VAL A 203 53.77 11.27 10.95
C VAL A 203 54.41 10.61 12.12
N ALA A 204 55.57 10.02 11.93
CA ALA A 204 56.14 9.12 12.96
C ALA A 204 56.52 9.84 14.25
N ASN A 205 56.97 11.08 14.13
CA ASN A 205 57.29 11.86 15.33
C ASN A 205 56.19 12.76 15.78
N ASN A 206 54.99 12.58 15.25
CA ASN A 206 53.85 13.39 15.65
C ASN A 206 52.87 12.71 16.66
N PHE A 207 52.03 13.52 17.29
CA PHE A 207 50.84 13.01 17.98
C PHE A 207 49.70 13.13 17.00
N VAL A 208 49.22 11.99 16.53
CA VAL A 208 48.31 11.94 15.44
C VAL A 208 46.85 11.72 15.91
N VAL A 209 46.02 12.67 15.59
CA VAL A 209 44.60 12.57 15.81
C VAL A 209 43.92 12.26 14.51
N GLY A 210 43.18 11.15 14.46
CA GLY A 210 42.54 10.71 13.22
C GLY A 210 41.05 10.98 13.29
N HIS A 211 40.50 11.40 12.15
CA HIS A 211 39.09 11.61 12.03
C HIS A 211 38.65 10.79 10.83
N PHE A 212 37.71 9.90 10.98
CA PHE A 212 37.40 8.92 9.90
C PHE A 212 35.95 9.04 9.50
N SER A 213 35.66 9.64 8.37
CA SER A 213 34.28 10.05 8.10
C SER A 213 34.27 10.61 6.68
N ARG A 214 33.08 10.82 6.11
CA ARG A 214 32.99 11.58 4.89
C ARG A 214 33.03 13.06 5.34
N LEU A 215 33.51 13.89 4.46
CA LEU A 215 33.72 15.29 4.74
C LEU A 215 32.35 15.96 4.63
N SER A 216 31.70 16.33 5.66
CA SER A 216 30.32 16.82 5.76
C SER A 216 30.13 17.77 6.98
N PRO A 217 29.43 18.79 7.03
CA PRO A 217 29.41 19.69 8.21
C PRO A 217 28.89 18.99 9.45
N TRP A 218 27.92 18.09 9.26
CA TRP A 218 27.35 17.33 10.37
C TRP A 218 28.45 16.49 11.05
N LYS A 219 29.44 16.03 10.26
CA LYS A 219 30.53 15.20 10.81
C LYS A 219 31.62 15.97 11.55
N GLY A 220 31.65 17.29 11.42
CA GLY A 220 32.43 18.15 12.31
C GLY A 220 33.95 18.18 12.19
N GLN A 221 34.46 17.97 11.01
CA GLN A 221 35.91 18.10 10.82
C GLN A 221 36.42 19.49 11.19
N HIS A 222 35.59 20.53 11.00
CA HIS A 222 36.00 21.91 11.33
C HIS A 222 36.21 22.13 12.83
N ILE A 223 35.54 21.34 13.65
CA ILE A 223 35.71 21.37 15.10
C ILE A 223 37.10 20.81 15.50
N LEU A 224 37.52 19.65 14.92
CA LEU A 224 38.86 19.14 15.14
C LEU A 224 39.91 20.17 14.71
N ILE A 225 39.72 20.79 13.55
CA ILE A 225 40.63 21.80 13.02
C ILE A 225 40.72 23.01 14.00
N ASP A 226 39.59 23.55 14.50
CA ASP A 226 39.66 24.62 15.52
C ASP A 226 40.40 24.15 16.77
N ALA A 227 40.14 22.93 17.23
CA ALA A 227 40.89 22.44 18.39
C ALA A 227 42.39 22.30 18.09
N LEU A 228 42.77 21.95 16.86
CA LEU A 228 44.19 21.78 16.56
C LEU A 228 44.95 23.10 16.78
N ALA A 229 44.27 24.19 16.45
CA ALA A 229 44.79 25.53 16.68
C ALA A 229 45.21 25.73 18.12
N GLN A 230 44.65 24.92 19.03
CA GLN A 230 44.91 25.05 20.47
C GLN A 230 45.80 23.98 21.05
N CYS A 231 46.48 23.21 20.20
CA CYS A 231 47.26 22.04 20.56
C CYS A 231 48.72 22.27 20.27
N PRO A 232 49.60 21.61 21.02
CA PRO A 232 50.99 21.82 20.67
C PRO A 232 51.32 21.44 19.24
N PRO A 233 52.49 21.90 18.78
CA PRO A 233 52.83 21.78 17.35
C PRO A 233 53.11 20.35 16.86
N GLN A 234 53.47 19.42 17.74
CA GLN A 234 53.63 18.05 17.32
C GLN A 234 52.29 17.34 17.06
N VAL A 235 51.16 17.99 17.39
CA VAL A 235 49.84 17.44 17.10
C VAL A 235 49.46 17.69 15.67
N THR A 236 49.25 16.59 14.93
CA THR A 236 48.70 16.66 13.56
C THR A 236 47.43 15.82 13.40
N ALA A 237 46.59 16.26 12.48
CA ALA A 237 45.33 15.61 12.21
C ALA A 237 45.39 14.87 10.84
N ILE A 238 44.88 13.64 10.77
CA ILE A 238 44.64 12.99 9.51
C ILE A 238 43.17 12.91 9.36
N LEU A 239 42.71 13.37 8.21
CA LEU A 239 41.29 13.32 7.82
C LEU A 239 41.17 12.24 6.74
N VAL A 240 40.38 11.22 7.09
CA VAL A 240 40.22 10.10 6.23
C VAL A 240 38.78 10.04 5.85
N GLY A 241 38.58 10.13 4.57
CA GLY A 241 37.29 10.04 3.94
C GLY A 241 37.28 10.97 2.72
N ASP A 242 36.22 10.84 1.98
CA ASP A 242 36.12 11.55 0.75
C ASP A 242 35.01 12.58 0.88
N ALA A 243 35.01 13.45 -0.12
CA ALA A 243 34.04 14.50 -0.30
C ALA A 243 32.94 13.92 -1.14
N LEU A 244 31.79 14.56 -1.08
CA LEU A 244 30.63 14.10 -1.79
C LEU A 244 30.00 15.28 -2.55
N PHE A 245 29.21 14.92 -3.58
CA PHE A 245 28.62 15.84 -4.54
C PHE A 245 27.86 16.95 -3.82
N GLY A 246 27.05 16.55 -2.84
CA GLY A 246 26.27 17.51 -2.06
C GLY A 246 27.04 18.50 -1.19
N GLU A 247 28.27 18.18 -0.78
CA GLU A 247 28.96 19.07 0.17
C GLU A 247 30.29 19.57 -0.34
N GLN A 248 30.32 19.99 -1.60
CA GLN A 248 31.50 20.73 -2.10
C GLN A 248 31.83 22.04 -1.39
N ASP A 249 30.87 22.89 -1.07
CA ASP A 249 31.20 24.12 -0.28
C ASP A 249 31.92 23.89 1.05
N TYR A 250 31.64 22.72 1.67
CA TYR A 250 32.27 22.39 2.96
C TYR A 250 33.74 22.07 2.82
N VAL A 251 34.07 21.26 1.84
CA VAL A 251 35.47 20.95 1.61
C VAL A 251 36.33 22.19 1.32
N LYS A 252 35.84 23.06 0.44
CA LYS A 252 36.40 24.44 0.27
C LYS A 252 36.54 25.19 1.61
N GLU A 253 35.51 25.17 2.44
CA GLU A 253 35.54 25.82 3.75
C GLU A 253 36.62 25.20 4.66
N LEU A 254 36.79 23.88 4.62
CA LEU A 254 37.80 23.25 5.49
C LEU A 254 39.15 23.71 5.07
N HIS A 255 39.43 23.61 3.77
CA HIS A 255 40.74 24.02 3.25
C HIS A 255 41.11 25.46 3.62
N GLN A 256 40.09 26.32 3.62
CA GLN A 256 40.35 27.76 3.83
C GLN A 256 40.61 27.95 5.28
N GLN A 257 39.78 27.29 6.09
CA GLN A 257 39.91 27.32 7.54
C GLN A 257 41.35 26.92 7.92
N ILE A 258 41.76 25.74 7.44
CA ILE A 258 43.07 25.24 7.75
C ILE A 258 44.21 26.24 7.37
N THR A 259 44.15 26.77 6.18
CA THR A 259 45.09 27.85 5.77
C THR A 259 44.91 29.11 6.63
N ARG A 260 43.70 29.58 6.85
CA ARG A 260 43.53 30.71 7.77
C ARG A 260 44.13 30.52 9.21
N LEU A 261 44.03 29.29 9.76
CA LEU A 261 44.63 29.00 11.07
C LEU A 261 46.10 28.75 11.01
N GLY A 262 46.70 28.80 9.82
CA GLY A 262 48.11 28.41 9.72
C GLY A 262 48.43 26.94 9.97
N LEU A 263 47.47 26.06 9.72
CA LEU A 263 47.62 24.61 9.99
C LEU A 263 47.91 23.67 8.79
N GLU A 264 48.42 24.21 7.68
CA GLU A 264 48.45 23.47 6.41
C GLU A 264 49.41 22.32 6.46
N ASN A 265 50.41 22.42 7.32
CA ASN A 265 51.35 21.37 7.52
C ASN A 265 51.08 20.48 8.75
N ARG A 266 49.89 20.56 9.31
CA ARG A 266 49.53 19.77 10.49
C ARG A 266 48.19 19.05 10.28
N VAL A 267 47.64 19.11 9.07
CA VAL A 267 46.41 18.45 8.68
C VAL A 267 46.70 17.72 7.38
N LYS A 268 46.48 16.39 7.31
CA LYS A 268 46.65 15.61 6.06
C LYS A 268 45.31 15.04 5.65
N PHE A 269 44.82 15.42 4.47
CA PHE A 269 43.67 14.75 3.89
C PHE A 269 44.15 13.48 3.18
N LEU A 270 43.72 12.28 3.62
CA LEU A 270 44.17 11.02 2.94
C LEU A 270 43.23 10.51 1.90
N GLY A 271 42.08 11.13 1.84
CA GLY A 271 41.07 10.67 0.94
C GLY A 271 40.35 9.39 1.41
N PHE A 272 39.63 8.72 0.52
CA PHE A 272 38.91 7.49 0.92
C PHE A 272 39.90 6.34 1.10
N ARG A 273 39.88 5.70 2.26
CA ARG A 273 40.75 4.59 2.51
C ARG A 273 39.95 3.38 2.90
N ALA A 274 40.37 2.24 2.37
CA ALA A 274 39.80 0.91 2.74
C ALA A 274 40.42 0.34 4.02
N ASP A 275 41.64 0.74 4.36
CA ASP A 275 42.35 0.19 5.55
C ASP A 275 42.14 1.03 6.87
N ILE A 276 40.89 1.13 7.26
CA ILE A 276 40.51 1.94 8.37
C ILE A 276 41.06 1.47 9.68
N PRO A 277 41.01 0.15 9.93
CA PRO A 277 41.59 -0.35 11.16
C PRO A 277 43.06 -0.07 11.31
N GLN A 278 43.78 -0.23 10.23
CA GLN A 278 45.21 0.03 10.24
C GLN A 278 45.55 1.51 10.46
N LEU A 279 44.87 2.38 9.72
CA LEU A 279 44.98 3.82 9.93
C LEU A 279 44.69 4.19 11.35
N MET A 280 43.58 3.66 11.91
CA MET A 280 43.22 3.91 13.33
C MET A 280 44.38 3.51 14.29
N ALA A 281 44.92 2.33 14.05
CA ALA A 281 46.04 1.85 14.82
C ALA A 281 47.21 2.79 14.75
N ALA A 282 47.41 3.43 13.61
CA ALA A 282 48.50 4.36 13.53
C ALA A 282 48.25 5.72 14.17
N CYS A 283 47.02 6.02 14.58
CA CYS A 283 46.73 7.28 15.29
C CYS A 283 47.16 7.12 16.74
N ASP A 284 47.24 8.23 17.44
CA ASP A 284 47.46 8.26 18.87
C ASP A 284 46.13 8.55 19.54
N LEU A 285 45.17 9.13 18.83
CA LEU A 285 43.82 9.40 19.33
C LEU A 285 42.90 9.43 18.15
N VAL A 286 41.70 8.86 18.30
CA VAL A 286 40.69 8.89 17.27
C VAL A 286 39.65 9.87 17.75
N ALA A 287 39.31 10.86 16.93
CA ALA A 287 38.25 11.79 17.23
C ALA A 287 37.01 11.65 16.42
N HIS A 288 35.92 11.55 17.13
CA HIS A 288 34.57 11.64 16.57
C HIS A 288 34.06 13.00 17.03
N THR A 289 33.65 13.86 16.10
CA THR A 289 33.28 15.25 16.47
C THR A 289 32.03 15.69 15.73
N SER A 290 31.11 14.75 15.49
CA SER A 290 29.82 15.06 14.86
C SER A 290 28.99 16.08 15.68
N THR A 291 28.33 16.97 14.96
CA THR A 291 27.64 18.12 15.57
C THR A 291 26.16 17.88 15.61
N ALA A 292 25.73 16.69 15.18
CA ALA A 292 24.38 16.32 15.30
C ALA A 292 24.36 14.90 15.88
N PRO A 293 23.36 14.60 16.73
CA PRO A 293 23.35 13.35 17.45
C PRO A 293 23.24 12.21 16.46
N GLU A 294 24.05 11.21 16.64
CA GLU A 294 24.05 10.05 15.79
C GLU A 294 23.49 8.84 16.58
N PRO A 295 22.84 7.92 15.85
CA PRO A 295 22.18 6.79 16.54
C PRO A 295 23.13 5.76 17.14
N PHE A 296 24.29 5.56 16.53
CA PHE A 296 25.32 4.61 16.94
C PHE A 296 26.64 4.98 16.19
N GLY A 297 27.66 5.41 16.84
CA GLY A 297 28.85 5.75 16.04
C GLY A 297 29.71 4.53 15.72
N ARG A 298 29.61 3.98 14.49
CA ARG A 298 30.43 2.76 14.18
C ARG A 298 31.92 3.08 14.43
N VAL A 299 32.34 4.29 14.06
CA VAL A 299 33.74 4.67 14.18
C VAL A 299 34.26 4.67 15.62
N ILE A 300 33.40 5.01 16.53
CA ILE A 300 33.73 5.07 17.93
C ILE A 300 34.00 3.60 18.33
N VAL A 301 33.07 2.71 18.10
CA VAL A 301 33.34 1.26 18.37
C VAL A 301 34.56 0.72 17.66
N GLU A 302 34.80 1.12 16.43
CA GLU A 302 35.95 0.62 15.69
C GLU A 302 37.25 1.04 16.33
N ALA A 303 37.27 2.29 16.78
CA ALA A 303 38.45 2.84 17.43
C ALA A 303 38.76 2.09 18.73
N MET A 304 37.71 1.77 19.46
CA MET A 304 37.80 1.07 20.74
C MET A 304 38.36 -0.36 20.47
N LEU A 305 37.82 -1.03 19.49
CA LEU A 305 38.27 -2.38 19.16
C LEU A 305 39.68 -2.34 18.68
N CYS A 306 40.13 -1.18 18.14
CA CYS A 306 41.54 -1.10 17.72
C CYS A 306 42.38 -0.82 18.94
N GLY A 307 41.77 -0.75 20.11
CA GLY A 307 42.58 -0.45 21.25
C GLY A 307 43.10 0.98 21.27
N LYS A 308 42.35 1.95 20.80
CA LYS A 308 42.81 3.34 20.76
C LYS A 308 42.04 4.25 21.70
N PRO A 309 42.70 5.27 22.22
CA PRO A 309 41.91 6.27 22.93
C PRO A 309 40.95 6.90 21.92
N VAL A 310 39.73 7.13 22.34
CA VAL A 310 38.75 7.73 21.51
C VAL A 310 38.05 8.87 22.24
N VAL A 311 37.83 9.96 21.52
CA VAL A 311 37.10 11.10 22.04
C VAL A 311 35.92 11.23 21.13
N ALA A 312 34.74 11.39 21.70
CA ALA A 312 33.51 11.55 20.96
C ALA A 312 32.65 12.69 21.42
N ALA A 313 31.72 13.06 20.55
CA ALA A 313 30.81 14.15 20.88
C ALA A 313 29.70 13.55 21.74
N LYS A 314 29.40 14.19 22.86
CA LYS A 314 28.41 13.70 23.82
C LYS A 314 26.97 13.98 23.38
N ALA A 315 26.50 13.11 22.49
CA ALA A 315 25.14 13.12 21.93
C ALA A 315 24.77 11.74 21.31
N GLY A 316 23.46 11.46 21.28
CA GLY A 316 22.95 10.24 20.67
C GLY A 316 23.59 8.99 21.19
N GLY A 317 23.96 8.08 20.31
CA GLY A 317 24.47 6.78 20.70
C GLY A 317 25.79 6.80 21.42
N ALA A 318 26.61 7.85 21.17
CA ALA A 318 27.97 7.95 21.74
C ALA A 318 27.99 7.82 23.25
N MET A 319 26.99 8.41 23.89
CA MET A 319 26.93 8.36 25.35
C MET A 319 26.76 6.91 25.85
N GLU A 320 26.27 5.97 25.04
CA GLU A 320 26.06 4.59 25.55
C GLU A 320 27.29 3.74 25.25
N LEU A 321 28.11 4.25 24.35
CA LEU A 321 29.32 3.59 23.94
C LEU A 321 30.51 3.85 24.85
N VAL A 322 30.56 5.04 25.44
CA VAL A 322 31.79 5.48 26.12
C VAL A 322 31.47 5.86 27.52
N GLU A 323 32.22 5.39 28.50
CA GLU A 323 32.15 6.02 29.86
C GLU A 323 33.39 6.84 30.00
N HIS A 324 33.16 8.13 30.24
CA HIS A 324 34.18 9.21 30.23
C HIS A 324 35.21 8.94 31.28
N GLY A 325 36.46 9.03 30.85
CA GLY A 325 37.64 8.67 31.56
C GLY A 325 37.88 7.14 31.77
N VAL A 326 36.94 6.29 31.41
CA VAL A 326 37.12 4.83 31.59
C VAL A 326 37.60 4.15 30.35
N ASN A 327 36.87 4.32 29.26
CA ASN A 327 37.18 3.61 27.99
C ASN A 327 37.10 4.54 26.81
N GLY A 328 37.16 5.83 27.12
CA GLY A 328 37.16 6.90 26.13
C GLY A 328 36.85 8.26 26.80
N PHE A 329 36.61 9.26 25.99
CA PHE A 329 36.29 10.62 26.45
C PHE A 329 35.11 11.13 25.69
N LEU A 330 34.35 11.98 26.36
CA LEU A 330 33.15 12.54 25.80
C LEU A 330 33.25 14.03 25.98
N THR A 331 32.93 14.79 24.95
CA THR A 331 32.93 16.26 25.04
C THR A 331 31.67 16.84 24.41
N THR A 332 31.33 18.05 24.83
CA THR A 332 30.14 18.71 24.35
C THR A 332 30.17 18.94 22.87
N PRO A 333 29.16 18.51 22.12
CA PRO A 333 29.32 18.72 20.68
C PRO A 333 29.46 20.18 20.29
N GLY A 334 30.28 20.42 19.27
CA GLY A 334 30.55 21.74 18.73
C GLY A 334 31.57 22.58 19.49
N GLU A 335 32.09 22.08 20.64
CA GLU A 335 33.03 22.85 21.47
C GLU A 335 34.51 22.42 21.30
N SER A 336 35.25 23.21 20.55
CA SER A 336 36.59 22.86 20.17
C SER A 336 37.57 22.98 21.30
N GLN A 337 37.29 23.84 22.28
CA GLN A 337 38.27 23.96 23.35
C GLN A 337 38.25 22.74 24.29
N GLU A 338 37.07 22.19 24.51
CA GLU A 338 36.95 20.99 25.33
C GLU A 338 37.67 19.80 24.61
N LEU A 339 37.55 19.77 23.29
CA LEU A 339 38.24 18.72 22.48
C LEU A 339 39.75 18.88 22.63
N ALA A 340 40.24 20.13 22.65
CA ALA A 340 41.68 20.37 22.75
C ALA A 340 42.18 19.97 24.12
N ASN A 341 41.39 20.24 25.11
CA ASN A 341 41.75 19.84 26.47
C ASN A 341 41.94 18.33 26.57
N ILE A 342 41.05 17.57 25.92
CA ILE A 342 41.24 16.11 25.87
C ILE A 342 42.51 15.74 25.18
N ILE A 343 42.75 16.36 24.03
CA ILE A 343 43.96 16.01 23.25
C ILE A 343 45.21 16.27 24.09
N ASN A 344 45.25 17.43 24.73
CA ASN A 344 46.33 17.77 25.63
C ASN A 344 46.44 16.81 26.85
N THR A 345 45.31 16.37 27.40
CA THR A 345 45.33 15.39 28.45
C THR A 345 45.98 14.13 27.97
N CYS A 346 45.66 13.73 26.73
CA CYS A 346 46.23 12.50 26.14
C CYS A 346 47.76 12.57 25.91
N ILE A 347 48.25 13.75 25.59
CA ILE A 347 49.71 14.00 25.40
C ILE A 347 50.48 13.92 26.72
N GLU A 348 49.94 14.58 27.74
CA GLU A 348 50.57 14.72 29.01
C GLU A 348 50.42 13.53 29.90
N ASP A 349 49.29 12.78 29.84
CA ASP A 349 49.17 11.56 30.64
C ASP A 349 49.12 10.26 29.86
N THR A 350 50.29 9.87 29.48
CA THR A 350 50.56 8.74 28.63
C THR A 350 50.09 7.42 29.21
N GLN A 351 50.36 7.20 30.47
CA GLN A 351 49.96 5.99 31.18
C GLN A 351 48.42 5.82 31.35
N LYS A 352 47.77 6.84 31.87
CA LYS A 352 46.35 6.83 32.00
C LYS A 352 45.71 6.59 30.61
N THR A 353 46.23 7.28 29.60
CA THR A 353 45.71 7.18 28.27
C THR A 353 45.85 5.73 27.74
N ALA A 354 46.99 5.06 27.97
CA ALA A 354 47.11 3.62 27.52
C ALA A 354 46.17 2.71 28.29
N THR A 355 45.89 3.00 29.56
CA THR A 355 45.03 2.14 30.32
C THR A 355 43.62 2.28 29.76
N ILE A 356 43.18 3.51 29.54
CA ILE A 356 41.88 3.74 28.94
C ILE A 356 41.71 3.00 27.59
N ALA A 357 42.72 3.09 26.78
CA ALA A 357 42.73 2.51 25.45
C ALA A 357 42.63 0.97 25.58
N SER A 358 43.31 0.44 26.56
CA SER A 358 43.25 -0.99 26.81
C SER A 358 41.84 -1.37 27.40
N ASN A 359 41.28 -0.54 28.28
CA ASN A 359 39.91 -0.75 28.79
C ASN A 359 38.93 -0.81 27.60
N ALA A 360 39.10 0.15 26.67
CA ALA A 360 38.24 0.24 25.53
C ALA A 360 38.19 -1.03 24.66
N GLN A 361 39.33 -1.58 24.32
CA GLN A 361 39.37 -2.82 23.55
C GLN A 361 38.60 -3.90 24.26
N ALA A 362 38.82 -4.03 25.58
CA ALA A 362 38.21 -5.10 26.40
C ALA A 362 36.69 -4.94 26.43
N ILE A 363 36.19 -3.72 26.75
CA ILE A 363 34.80 -3.54 26.84
C ILE A 363 34.11 -3.66 25.46
N ALA A 364 34.71 -3.13 24.40
CA ALA A 364 34.05 -3.17 23.09
C ALA A 364 34.01 -4.64 22.55
N SER A 365 35.04 -5.39 22.87
CA SER A 365 35.09 -6.79 22.45
C SER A 365 33.92 -7.56 23.11
N GLN A 366 33.66 -7.22 24.37
CA GLN A 366 32.56 -7.84 25.08
C GLN A 366 31.18 -7.44 24.52
N ARG A 367 30.93 -6.15 24.31
CA ARG A 367 29.58 -5.65 23.91
C ARG A 367 29.21 -5.73 22.45
N PHE A 368 30.19 -5.61 21.53
CA PHE A 368 29.91 -5.41 20.12
C PHE A 368 30.48 -6.52 19.20
N ASP A 369 30.87 -7.64 19.81
CA ASP A 369 31.32 -8.81 19.04
C ASP A 369 30.16 -9.30 18.16
N VAL A 370 30.39 -9.31 16.86
CA VAL A 370 29.40 -9.81 15.91
C VAL A 370 28.88 -11.19 16.23
N VAL A 371 29.67 -12.05 16.91
CA VAL A 371 29.19 -13.38 17.31
C VAL A 371 28.11 -13.27 18.33
N THR A 372 28.29 -12.40 19.29
CA THR A 372 27.31 -12.18 20.29
C THR A 372 26.07 -11.49 19.73
N ILE A 373 26.30 -10.45 18.92
CA ILE A 373 25.18 -9.71 18.30
C ILE A 373 24.37 -10.66 17.45
N ASN A 374 25.02 -11.47 16.60
CA ASN A 374 24.25 -12.40 15.75
C ASN A 374 23.44 -13.40 16.56
N GLN A 375 23.96 -13.83 17.72
CA GLN A 375 23.20 -14.71 18.64
C GLN A 375 21.95 -13.97 19.15
N GLN A 376 22.12 -12.74 19.56
CA GLN A 376 20.96 -11.95 20.03
C GLN A 376 19.88 -11.82 18.94
N ILE A 377 20.31 -11.46 17.73
CA ILE A 377 19.35 -11.40 16.63
C ILE A 377 18.62 -12.76 16.41
N ALA A 378 19.39 -13.85 16.33
CA ALA A 378 18.82 -15.20 16.09
C ALA A 378 17.84 -15.56 17.23
N GLU A 379 18.22 -15.34 18.49
CA GLU A 379 17.31 -15.61 19.61
C GLU A 379 16.09 -14.76 19.52
N THR A 380 16.28 -13.50 19.17
CA THR A 380 15.11 -12.65 19.09
C THR A 380 14.18 -13.09 17.92
N LEU A 381 14.73 -13.49 16.77
CA LEU A 381 13.91 -14.03 15.67
C LEU A 381 13.18 -15.36 16.04
N SER A 382 13.82 -16.26 16.77
CA SER A 382 13.16 -17.53 17.08
C SER A 382 12.07 -17.29 18.13
N SER A 383 12.23 -16.24 18.93
CA SER A 383 11.20 -15.75 19.81
C SER A 383 9.86 -15.43 19.11
N LEU A 384 9.79 -15.37 17.80
CA LEU A 384 8.51 -15.15 17.12
C LEU A 384 8.31 -16.12 15.92
N MET B 7 -19.80 14.66 8.72
CA MET B 7 -19.12 13.46 8.13
C MET B 7 -18.84 13.78 6.67
N LYS B 8 -17.57 13.94 6.36
CA LYS B 8 -17.15 14.01 4.94
C LYS B 8 -16.79 12.62 4.44
N ILE B 9 -17.35 12.23 3.28
CA ILE B 9 -17.08 10.88 2.71
C ILE B 9 -16.19 10.91 1.51
N LEU B 10 -15.14 10.08 1.50
CA LEU B 10 -14.42 9.84 0.32
C LEU B 10 -14.83 8.49 -0.27
N PHE B 11 -15.52 8.54 -1.41
CA PHE B 11 -16.00 7.36 -2.14
C PHE B 11 -14.94 7.00 -3.14
N LEU B 12 -14.69 5.72 -3.31
CA LEU B 12 -13.66 5.27 -4.23
C LEU B 12 -14.27 4.25 -5.15
N ASP B 13 -14.00 4.35 -6.46
CA ASP B 13 -14.57 3.40 -7.42
C ASP B 13 -13.55 3.24 -8.56
N GLN B 14 -13.26 2.00 -8.96
CA GLN B 14 -12.14 1.77 -9.86
C GLN B 14 -12.47 2.20 -11.28
N SER B 15 -13.74 2.24 -11.61
CA SER B 15 -14.13 2.34 -13.02
C SER B 15 -14.53 3.72 -13.45
N GLY B 16 -14.09 4.13 -14.65
CA GLY B 16 -14.58 5.32 -15.33
C GLY B 16 -15.84 5.11 -16.18
N LYS B 17 -16.37 3.89 -16.19
CA LYS B 17 -17.55 3.57 -16.96
C LYS B 17 -18.75 3.36 -16.07
N PRO B 18 -19.93 3.77 -16.55
CA PRO B 18 -21.11 3.64 -15.67
C PRO B 18 -21.81 2.25 -15.68
N GLY B 19 -21.22 1.22 -15.05
CA GLY B 19 -21.95 -0.03 -14.75
C GLY B 19 -22.94 0.11 -13.57
N GLY B 20 -23.55 -1.01 -13.19
CA GLY B 20 -24.54 -1.02 -12.12
C GLY B 20 -24.03 -0.43 -10.81
N ALA B 21 -22.79 -0.79 -10.46
CA ALA B 21 -22.16 -0.33 -9.19
C ALA B 21 -21.99 1.19 -9.16
N GLU B 22 -21.67 1.76 -10.30
CA GLU B 22 -21.41 3.16 -10.40
C GLU B 22 -22.73 3.94 -10.37
N LEU B 23 -23.73 3.40 -11.09
CA LEU B 23 -25.05 4.00 -11.15
C LEU B 23 -25.60 3.97 -9.74
N CYS B 24 -25.33 2.85 -9.04
CA CYS B 24 -25.83 2.74 -7.65
C CYS B 24 -25.17 3.83 -6.83
N LEU B 25 -23.87 4.07 -7.10
CA LEU B 25 -23.07 5.04 -6.35
C LEU B 25 -23.58 6.48 -6.53
N ILE B 26 -24.11 6.82 -7.71
CA ILE B 26 -24.74 8.15 -7.93
C ILE B 26 -25.84 8.36 -6.87
N ASP B 27 -26.66 7.33 -6.65
CA ASP B 27 -27.79 7.43 -5.72
C ASP B 27 -27.28 7.52 -4.28
N ILE B 28 -26.28 6.70 -3.98
CA ILE B 28 -25.74 6.66 -2.65
C ILE B 28 -25.12 7.99 -2.26
N ALA B 29 -24.38 8.61 -3.20
CA ALA B 29 -23.64 9.79 -2.92
C ALA B 29 -24.44 11.06 -2.96
N LYS B 30 -25.55 11.07 -3.71
CA LYS B 30 -26.29 12.31 -3.88
C LYS B 30 -26.56 13.02 -2.60
N PRO B 31 -27.06 12.31 -1.54
CA PRO B 31 -27.37 13.03 -0.29
C PRO B 31 -26.16 13.66 0.38
N TYR B 32 -24.94 13.27 -0.06
CA TYR B 32 -23.65 13.64 0.59
C TYR B 32 -22.84 14.59 -0.25
N ARG B 33 -23.44 15.08 -1.33
CA ARG B 33 -22.64 15.74 -2.34
C ARG B 33 -22.07 17.07 -1.94
N ASP B 34 -22.55 17.73 -0.90
CA ASP B 34 -21.87 18.88 -0.38
C ASP B 34 -20.72 18.48 0.59
N ARG B 35 -20.50 17.21 0.84
CA ARG B 35 -19.49 16.83 1.79
C ARG B 35 -18.87 15.49 1.42
N ALA B 36 -18.77 15.24 0.11
CA ALA B 36 -18.24 14.03 -0.42
C ALA B 36 -17.32 14.28 -1.62
N LEU B 37 -16.51 13.27 -1.95
CA LEU B 37 -15.73 13.23 -3.20
C LEU B 37 -15.74 11.82 -3.73
N VAL B 38 -15.99 11.67 -5.03
CA VAL B 38 -15.82 10.39 -5.66
C VAL B 38 -14.44 10.36 -6.33
N GLY B 39 -13.54 9.57 -5.80
CA GLY B 39 -12.29 9.26 -6.46
C GLY B 39 -12.44 8.09 -7.41
N LEU B 40 -12.17 8.34 -8.69
CA LEU B 40 -12.05 7.29 -9.66
C LEU B 40 -10.60 6.86 -9.98
N PHE B 41 -10.43 5.65 -10.44
CA PHE B 41 -9.12 5.20 -10.85
C PHE B 41 -9.00 5.16 -12.35
N ALA B 42 -9.99 5.65 -13.09
CA ALA B 42 -9.90 5.86 -14.57
C ALA B 42 -10.92 6.91 -14.94
N ASP B 43 -10.66 7.62 -16.04
CA ASP B 43 -11.57 8.64 -16.54
C ASP B 43 -12.60 7.97 -17.40
N GLY B 44 -13.66 8.69 -17.74
CA GLY B 44 -14.66 8.17 -18.67
C GLY B 44 -15.99 8.80 -18.47
N ALA B 45 -17.00 8.12 -19.00
CA ALA B 45 -18.42 8.57 -18.96
C ALA B 45 -19.01 8.69 -17.55
N PHE B 46 -18.52 7.90 -16.60
CA PHE B 46 -18.99 7.98 -15.22
C PHE B 46 -18.59 9.31 -14.57
N LYS B 47 -17.39 9.80 -14.89
CA LYS B 47 -16.93 11.09 -14.41
C LYS B 47 -17.87 12.20 -14.85
N THR B 48 -18.18 12.25 -16.13
CA THR B 48 -19.12 13.27 -16.68
C THR B 48 -20.50 13.17 -16.03
N LEU B 49 -21.03 11.94 -15.95
CA LEU B 49 -22.26 11.70 -15.16
C LEU B 49 -22.27 12.25 -13.73
N LEU B 50 -21.22 11.94 -12.98
CA LEU B 50 -21.05 12.47 -11.65
C LEU B 50 -21.06 14.03 -11.69
N GLU B 51 -20.35 14.60 -12.67
CA GLU B 51 -20.33 16.08 -12.80
C GLU B 51 -21.72 16.63 -13.14
N GLN B 52 -22.45 15.91 -13.97
CA GLN B 52 -23.85 16.26 -14.24
C GLN B 52 -24.71 16.19 -13.01
N HIS B 53 -24.42 15.27 -12.12
CA HIS B 53 -25.14 15.28 -10.83
C HIS B 53 -24.51 16.15 -9.72
N HIS B 54 -23.62 17.09 -10.08
CA HIS B 54 -22.89 17.94 -9.12
C HIS B 54 -22.21 17.19 -7.98
N ILE B 55 -21.74 15.98 -8.29
CA ILE B 55 -21.02 15.21 -7.31
C ILE B 55 -19.55 15.43 -7.60
N PRO B 56 -18.80 15.95 -6.61
CA PRO B 56 -17.40 16.19 -6.85
C PRO B 56 -16.68 14.90 -7.20
N VAL B 57 -15.83 14.94 -8.24
CA VAL B 57 -15.13 13.74 -8.71
C VAL B 57 -13.66 14.08 -9.08
N GLU B 58 -12.76 13.16 -8.77
CA GLU B 58 -11.35 13.22 -9.14
C GLU B 58 -10.87 11.86 -9.67
N VAL B 59 -10.03 11.92 -10.71
CA VAL B 59 -9.36 10.72 -11.23
C VAL B 59 -8.00 10.62 -10.55
N PHE B 60 -7.75 9.53 -9.85
CA PHE B 60 -6.43 9.33 -9.24
C PHE B 60 -5.72 8.34 -10.12
N THR B 61 -4.48 8.63 -10.53
CA THR B 61 -3.77 7.62 -11.34
C THR B 61 -2.44 7.30 -10.70
N ASN B 62 -1.77 6.32 -11.30
CA ASN B 62 -0.39 5.96 -10.91
C ASN B 62 0.75 6.84 -11.43
N GLN B 63 0.46 8.09 -11.77
CA GLN B 63 1.48 9.00 -12.27
C GLN B 63 2.33 9.54 -11.13
N PRO B 64 3.66 9.66 -11.33
CA PRO B 64 4.52 10.22 -10.27
C PRO B 64 4.03 11.54 -9.70
N SER B 79 6.19 13.36 1.69
CA SER B 79 4.95 12.61 1.55
C SER B 79 5.20 11.11 1.59
N LEU B 80 6.36 10.70 1.08
CA LEU B 80 6.72 9.29 1.05
C LEU B 80 5.97 8.54 -0.04
N GLY B 81 5.30 9.28 -0.92
CA GLY B 81 4.55 8.69 -2.01
C GLY B 81 5.12 8.31 -3.35
N GLN B 82 6.42 8.47 -3.56
CA GLN B 82 7.09 8.00 -4.78
C GLN B 82 6.97 6.50 -4.92
N LEU B 83 6.93 5.82 -3.78
CA LEU B 83 6.83 4.39 -3.74
C LEU B 83 5.56 3.85 -4.37
N ALA B 84 4.43 4.51 -4.14
CA ALA B 84 3.08 4.00 -4.55
C ALA B 84 2.16 5.18 -4.87
N PRO B 85 2.34 5.83 -6.05
CA PRO B 85 1.76 7.18 -6.20
C PRO B 85 0.21 7.22 -6.12
N LEU B 86 -0.45 6.25 -6.74
CA LEU B 86 -1.89 6.14 -6.57
C LEU B 86 -2.25 6.12 -5.09
N VAL B 87 -1.63 5.19 -4.33
CA VAL B 87 -1.99 5.04 -2.92
C VAL B 87 -1.70 6.34 -2.15
N ALA B 88 -0.58 7.00 -2.46
CA ALA B 88 -0.21 8.24 -1.76
C ALA B 88 -1.21 9.34 -1.99
N LYS B 89 -1.74 9.40 -3.18
CA LYS B 89 -2.72 10.49 -3.43
C LYS B 89 -4.03 10.19 -2.65
N VAL B 90 -4.44 8.91 -2.66
CA VAL B 90 -5.69 8.52 -2.00
C VAL B 90 -5.45 8.82 -0.55
N VAL B 91 -4.31 8.35 0.01
CA VAL B 91 -4.00 8.60 1.43
C VAL B 91 -4.04 10.05 1.75
N GLN B 92 -3.42 10.88 0.94
CA GLN B 92 -3.41 12.32 1.22
C GLN B 92 -4.78 12.98 1.09
N THR B 93 -5.55 12.61 0.09
CA THR B 93 -6.95 13.10 0.02
C THR B 93 -7.77 12.62 1.25
N ALA B 94 -7.63 11.33 1.55
CA ALA B 94 -8.29 10.73 2.74
C ALA B 94 -8.08 11.45 4.06
N HIS B 95 -6.93 12.11 4.27
CA HIS B 95 -6.73 12.99 5.46
C HIS B 95 -7.81 14.04 5.63
N GLU B 96 -8.33 14.60 4.53
CA GLU B 96 -9.37 15.64 4.63
C GLU B 96 -10.79 15.07 4.71
N TYR B 97 -10.93 13.73 4.72
CA TYR B 97 -12.26 13.13 4.85
C TYR B 97 -12.37 12.38 6.16
N ASP B 98 -13.58 12.02 6.55
CA ASP B 98 -13.81 11.26 7.76
C ASP B 98 -14.05 9.78 7.56
N LEU B 99 -14.42 9.35 6.37
CA LEU B 99 -14.77 7.98 6.09
C LEU B 99 -14.43 7.66 4.64
N ILE B 100 -13.95 6.44 4.43
CA ILE B 100 -13.58 6.03 3.13
C ILE B 100 -14.62 5.00 2.77
N TYR B 101 -15.23 5.14 1.60
CA TYR B 101 -16.30 4.22 1.18
C TYR B 101 -15.95 3.59 -0.15
N ALA B 102 -15.51 2.36 -0.08
CA ALA B 102 -14.94 1.72 -1.28
C ALA B 102 -16.00 0.92 -1.99
N ASN B 103 -16.21 1.22 -3.27
CA ASN B 103 -17.40 0.69 -3.95
C ASN B 103 -17.11 -0.44 -4.93
N THR B 104 -15.85 -0.76 -5.14
CA THR B 104 -15.42 -1.83 -6.01
C THR B 104 -14.15 -2.49 -5.40
N GLN B 105 -13.77 -3.63 -5.95
CA GLN B 105 -12.69 -4.42 -5.37
C GLN B 105 -11.30 -3.79 -5.35
N LYS B 106 -10.91 -3.12 -6.42
CA LYS B 106 -9.64 -2.45 -6.40
C LYS B 106 -9.66 -1.23 -5.52
N ALA B 107 -10.84 -0.64 -5.36
CA ALA B 107 -11.03 0.53 -4.45
C ALA B 107 -10.95 0.05 -3.01
N LEU B 108 -11.41 -1.18 -2.79
CA LEU B 108 -11.25 -1.75 -1.46
C LEU B 108 -9.77 -2.03 -1.15
N VAL B 109 -9.01 -2.42 -2.17
CA VAL B 109 -7.62 -2.73 -1.91
C VAL B 109 -6.88 -1.47 -1.58
N VAL B 110 -7.00 -0.48 -2.45
CA VAL B 110 -6.37 0.82 -2.19
C VAL B 110 -6.96 1.49 -0.95
N GLY B 111 -8.28 1.51 -0.85
CA GLY B 111 -8.95 2.11 0.28
C GLY B 111 -8.53 1.58 1.66
N ALA B 112 -8.32 0.28 1.74
CA ALA B 112 -7.93 -0.39 2.98
C ALA B 112 -6.58 0.08 3.45
N ILE B 113 -5.67 0.12 2.51
CA ILE B 113 -4.32 0.70 2.71
C ILE B 113 -4.37 2.13 3.14
N ALA B 114 -5.11 2.92 2.41
CA ALA B 114 -5.32 4.29 2.86
C ALA B 114 -6.00 4.40 4.16
N SER B 115 -6.94 3.48 4.43
CA SER B 115 -7.64 3.57 5.70
C SER B 115 -6.60 3.44 6.86
N PHE B 116 -5.73 2.45 6.80
CA PHE B 116 -4.77 2.35 7.86
C PHE B 116 -3.73 3.46 7.95
N ILE B 117 -3.14 3.84 6.83
CA ILE B 117 -2.17 4.93 6.82
C ILE B 117 -2.78 6.27 7.24
N ALA B 118 -3.96 6.65 6.75
CA ALA B 118 -4.51 7.96 7.12
C ALA B 118 -5.40 7.94 8.36
N ARG B 119 -5.68 6.76 8.87
CA ARG B 119 -6.40 6.54 10.11
C ARG B 119 -7.83 7.02 10.00
N ARG B 120 -8.54 6.44 9.02
CA ARG B 120 -9.94 6.77 8.80
C ARG B 120 -10.73 5.48 8.71
N PRO B 121 -11.96 5.46 9.19
CA PRO B 121 -12.70 4.17 9.02
C PRO B 121 -13.06 3.92 7.51
N LEU B 122 -13.19 2.63 7.16
CA LEU B 122 -13.48 2.14 5.88
C LEU B 122 -14.83 1.36 5.87
N VAL B 123 -15.67 1.68 4.91
CA VAL B 123 -16.83 0.92 4.55
C VAL B 123 -16.54 0.34 3.18
N TYR B 124 -16.84 -0.95 3.03
CA TYR B 124 -16.74 -1.65 1.75
C TYR B 124 -18.18 -1.95 1.27
N HIS B 125 -18.61 -1.38 0.15
CA HIS B 125 -19.93 -1.72 -0.45
C HIS B 125 -19.70 -2.77 -1.51
N LEU B 126 -20.16 -3.97 -1.21
CA LEU B 126 -19.96 -5.13 -2.04
C LEU B 126 -21.09 -5.27 -3.02
N HIS B 127 -20.79 -5.04 -4.27
CA HIS B 127 -21.79 -5.15 -5.32
C HIS B 127 -21.57 -6.42 -6.16
N ASP B 128 -20.58 -7.26 -5.83
CA ASP B 128 -20.21 -8.42 -6.72
C ASP B 128 -20.51 -9.71 -5.96
N ILE B 129 -20.68 -10.80 -6.70
CA ILE B 129 -20.64 -12.14 -6.14
C ILE B 129 -19.16 -12.50 -6.21
N LEU B 130 -18.52 -12.65 -5.06
CA LEU B 130 -17.11 -13.03 -5.02
C LEU B 130 -16.88 -14.52 -5.37
N SER B 131 -17.06 -14.88 -6.64
CA SER B 131 -16.87 -16.30 -7.09
C SER B 131 -15.48 -16.56 -7.75
N PRO B 132 -14.83 -17.71 -7.43
CA PRO B 132 -13.60 -18.11 -8.16
C PRO B 132 -13.78 -18.23 -9.69
N GLU B 133 -15.01 -18.39 -10.14
CA GLU B 133 -15.27 -18.49 -11.57
C GLU B 133 -15.09 -17.14 -12.26
N HIS B 134 -15.25 -16.04 -11.53
CA HIS B 134 -15.19 -14.72 -12.11
C HIS B 134 -14.06 -13.84 -11.60
N PHE B 135 -13.44 -14.20 -10.49
CA PHE B 135 -12.33 -13.43 -9.95
C PHE B 135 -11.24 -14.40 -9.66
N SER B 136 -9.98 -14.05 -9.91
CA SER B 136 -8.93 -14.99 -9.55
C SER B 136 -8.92 -15.14 -8.01
N GLN B 137 -8.63 -16.37 -7.56
CA GLN B 137 -8.49 -16.67 -6.13
C GLN B 137 -7.55 -15.70 -5.39
N THR B 138 -6.51 -15.21 -6.05
CA THR B 138 -5.62 -14.27 -5.39
C THR B 138 -6.34 -12.97 -5.12
N ASN B 139 -7.02 -12.41 -6.11
CA ASN B 139 -7.79 -11.20 -5.86
C ASN B 139 -8.89 -11.44 -4.83
N LEU B 140 -9.49 -12.64 -4.76
CA LEU B 140 -10.48 -12.88 -3.68
C LEU B 140 -9.90 -12.94 -2.27
N ARG B 141 -8.78 -13.62 -2.15
CA ARG B 141 -8.16 -13.82 -0.88
C ARG B 141 -7.67 -12.44 -0.36
N VAL B 142 -7.19 -11.58 -1.26
CA VAL B 142 -6.70 -10.25 -0.89
C VAL B 142 -7.86 -9.37 -0.44
N ALA B 143 -8.89 -9.34 -1.27
CA ALA B 143 -10.03 -8.50 -0.94
C ALA B 143 -10.71 -8.94 0.39
N VAL B 144 -10.94 -10.23 0.56
CA VAL B 144 -11.54 -10.74 1.77
C VAL B 144 -10.67 -10.46 3.02
N ASN B 145 -9.36 -10.67 2.92
CA ASN B 145 -8.53 -10.42 4.10
C ASN B 145 -8.41 -8.93 4.43
N LEU B 146 -8.32 -8.07 3.42
CA LEU B 146 -8.31 -6.67 3.69
C LEU B 146 -9.64 -6.22 4.30
N ALA B 147 -10.75 -6.68 3.74
CA ALA B 147 -12.05 -6.36 4.31
C ALA B 147 -12.17 -6.78 5.75
N ASN B 148 -11.85 -8.04 6.00
CA ASN B 148 -11.97 -8.58 7.34
C ASN B 148 -11.17 -7.82 8.38
N ARG B 149 -9.96 -7.39 8.04
CA ARG B 149 -9.13 -6.71 9.03
C ARG B 149 -9.41 -5.18 9.12
N PHE B 150 -9.78 -4.53 8.03
CA PHE B 150 -9.81 -3.05 8.03
C PHE B 150 -11.18 -2.44 7.88
N ALA B 151 -12.10 -3.17 7.28
CA ALA B 151 -13.47 -2.61 7.04
C ALA B 151 -14.26 -2.64 8.34
N SER B 152 -14.83 -1.51 8.73
CA SER B 152 -15.79 -1.48 9.80
C SER B 152 -17.14 -2.09 9.43
N LEU B 153 -17.44 -2.25 8.14
CA LEU B 153 -18.73 -2.68 7.71
C LEU B 153 -18.60 -3.09 6.26
N VAL B 154 -19.26 -4.16 5.89
CA VAL B 154 -19.31 -4.58 4.50
C VAL B 154 -20.79 -4.58 4.13
N ILE B 155 -21.16 -3.67 3.28
CA ILE B 155 -22.58 -3.53 2.85
C ILE B 155 -22.68 -4.43 1.66
N ALA B 156 -23.54 -5.44 1.69
CA ALA B 156 -23.78 -6.33 0.55
C ALA B 156 -25.06 -5.91 -0.19
N ASN B 157 -25.06 -5.94 -1.51
CA ASN B 157 -26.23 -5.52 -2.29
C ASN B 157 -27.30 -6.57 -2.31
N SER B 158 -27.00 -7.75 -1.77
CA SER B 158 -27.99 -8.82 -1.70
C SER B 158 -27.49 -9.93 -0.78
N GLN B 159 -28.39 -10.81 -0.37
CA GLN B 159 -28.00 -12.05 0.31
C GLN B 159 -27.05 -12.96 -0.44
N ALA B 160 -27.18 -13.03 -1.75
CA ALA B 160 -26.31 -13.83 -2.59
C ALA B 160 -24.85 -13.29 -2.55
N SER B 161 -24.69 -11.96 -2.60
CA SER B 161 -23.40 -11.32 -2.50
C SER B 161 -22.84 -11.49 -1.06
N GLN B 162 -23.68 -11.28 -0.06
CA GLN B 162 -23.36 -11.54 1.34
C GLN B 162 -22.86 -12.97 1.55
N THR B 163 -23.60 -13.93 1.06
CA THR B 163 -23.25 -15.34 1.25
C THR B 163 -21.98 -15.70 0.51
N ALA B 164 -21.80 -15.20 -0.72
CA ALA B 164 -20.54 -15.50 -1.42
C ALA B 164 -19.35 -14.86 -0.69
N PHE B 165 -19.54 -13.69 -0.05
CA PHE B 165 -18.47 -13.05 0.70
C PHE B 165 -18.07 -13.97 1.86
N ILE B 166 -19.07 -14.48 2.54
CA ILE B 166 -18.84 -15.34 3.71
C ILE B 166 -18.15 -16.64 3.27
N GLN B 167 -18.68 -17.24 2.20
CA GLN B 167 -18.13 -18.51 1.66
C GLN B 167 -16.68 -18.41 1.20
N ALA B 168 -16.24 -17.18 0.85
CA ALA B 168 -14.85 -16.95 0.50
C ALA B 168 -13.98 -16.67 1.74
N GLY B 169 -14.48 -16.95 2.94
CA GLY B 169 -13.82 -16.55 4.18
C GLY B 169 -14.08 -15.13 4.71
N GLY B 170 -15.03 -14.38 4.15
CA GLY B 170 -15.37 -13.07 4.75
C GLY B 170 -16.07 -13.26 6.08
N ARG B 171 -15.88 -12.29 6.96
CA ARG B 171 -16.49 -12.34 8.28
C ARG B 171 -17.99 -11.93 8.25
N ALA B 172 -18.86 -12.91 8.53
CA ALA B 172 -20.30 -12.71 8.44
C ALA B 172 -20.81 -11.53 9.28
N GLU B 173 -20.19 -11.26 10.41
CA GLU B 173 -20.69 -10.29 11.39
C GLU B 173 -20.44 -8.82 10.97
N LEU B 174 -19.61 -8.65 9.93
CA LEU B 174 -19.25 -7.39 9.39
C LEU B 174 -20.31 -6.97 8.35
N THR B 175 -21.19 -7.89 7.90
CA THR B 175 -21.94 -7.68 6.71
C THR B 175 -23.33 -7.21 7.07
N LYS B 176 -23.90 -6.38 6.21
CA LYS B 176 -25.29 -6.01 6.28
C LYS B 176 -25.85 -5.94 4.87
N VAL B 177 -27.07 -6.43 4.62
CA VAL B 177 -27.63 -6.32 3.31
C VAL B 177 -28.33 -4.96 3.12
N ILE B 178 -28.00 -4.16 2.09
CA ILE B 178 -28.80 -2.97 1.72
C ILE B 178 -28.94 -3.06 0.22
N TYR B 179 -30.18 -3.08 -0.25
CA TYR B 179 -30.47 -3.27 -1.68
C TYR B 179 -30.21 -1.97 -2.39
N ASN B 180 -30.09 -1.98 -3.71
CA ASN B 180 -30.04 -0.76 -4.49
C ASN B 180 -31.43 0.00 -4.37
N GLY B 181 -31.41 1.34 -4.40
CA GLY B 181 -32.62 2.15 -4.30
C GLY B 181 -32.94 2.79 -5.68
N PHE B 182 -34.20 3.09 -5.91
CA PHE B 182 -34.67 3.65 -7.16
C PHE B 182 -35.68 4.76 -6.85
N ASP B 183 -35.76 5.76 -7.70
CA ASP B 183 -36.81 6.80 -7.56
C ASP B 183 -38.02 6.23 -8.22
N ILE B 184 -39.00 5.86 -7.41
CA ILE B 184 -40.07 5.01 -7.91
C ILE B 184 -40.94 5.73 -8.95
N ASN B 185 -41.07 7.07 -8.87
CA ASN B 185 -41.93 7.80 -9.77
C ASN B 185 -41.34 7.95 -11.16
N LEU B 186 -40.04 7.75 -11.32
CA LEU B 186 -39.43 7.69 -12.63
C LEU B 186 -39.93 6.54 -13.49
N TYR B 187 -40.60 5.57 -12.89
CA TYR B 187 -40.94 4.35 -13.57
C TYR B 187 -42.42 4.35 -13.89
N LYS B 188 -43.05 5.51 -13.75
CA LYS B 188 -44.46 5.67 -14.14
C LYS B 188 -44.59 6.30 -15.51
N THR B 189 -45.31 5.64 -16.39
CA THR B 189 -45.48 6.11 -17.76
C THR B 189 -46.99 6.03 -18.09
N SER B 190 -47.52 7.06 -18.78
CA SER B 190 -48.98 7.09 -19.03
C SER B 190 -49.35 6.12 -20.15
N PRO B 191 -50.57 5.59 -20.13
CA PRO B 191 -51.04 4.78 -21.28
C PRO B 191 -50.97 5.44 -22.65
N SER B 192 -51.11 6.75 -22.74
CA SER B 192 -51.06 7.37 -24.08
C SER B 192 -49.61 7.35 -24.63
N ASP B 193 -48.62 7.65 -23.79
CA ASP B 193 -47.21 7.48 -24.15
C ASP B 193 -46.88 6.04 -24.56
N ILE B 194 -47.46 5.08 -23.84
CA ILE B 194 -47.16 3.71 -24.07
C ILE B 194 -47.70 3.37 -25.44
N SER B 195 -48.92 3.82 -25.74
CA SER B 195 -49.57 3.47 -27.03
C SER B 195 -48.83 4.04 -28.27
N LYS B 196 -48.41 5.28 -28.18
CA LYS B 196 -47.72 5.95 -29.21
C LYS B 196 -46.33 5.30 -29.43
N LEU B 197 -45.68 4.85 -28.37
CA LEU B 197 -44.37 4.29 -28.49
C LEU B 197 -44.42 2.91 -29.16
N ARG B 198 -45.38 2.12 -28.75
CA ARG B 198 -45.66 0.87 -29.39
C ARG B 198 -45.96 1.05 -30.89
N GLN B 199 -46.72 2.07 -31.24
CA GLN B 199 -46.98 2.33 -32.66
C GLN B 199 -45.74 2.71 -33.42
N GLN B 200 -44.88 3.53 -32.82
CA GLN B 200 -43.63 3.90 -33.49
C GLN B 200 -42.65 2.75 -33.53
N LEU B 201 -42.77 1.83 -32.59
CA LEU B 201 -41.89 0.70 -32.62
C LEU B 201 -42.44 -0.36 -33.61
N GLY B 202 -43.67 -0.20 -34.08
CA GLY B 202 -44.29 -1.18 -34.96
C GLY B 202 -44.76 -2.40 -34.22
N VAL B 203 -44.99 -2.28 -32.91
CA VAL B 203 -45.35 -3.44 -32.16
C VAL B 203 -46.74 -3.36 -31.52
N ALA B 204 -47.58 -2.46 -32.03
CA ALA B 204 -48.86 -2.20 -31.37
C ALA B 204 -49.75 -3.43 -31.24
N ASN B 205 -49.62 -4.36 -32.18
CA ASN B 205 -50.47 -5.54 -32.20
C ASN B 205 -49.73 -6.76 -31.81
N ASN B 206 -48.59 -6.59 -31.13
CA ASN B 206 -47.76 -7.73 -30.74
C ASN B 206 -47.78 -7.91 -29.22
N PHE B 207 -47.31 -9.07 -28.78
CA PHE B 207 -46.94 -9.29 -27.40
C PHE B 207 -45.43 -9.16 -27.35
N VAL B 208 -44.98 -8.12 -26.65
CA VAL B 208 -43.63 -7.67 -26.66
C VAL B 208 -42.88 -8.10 -25.43
N VAL B 209 -41.82 -8.84 -25.66
CA VAL B 209 -40.88 -9.25 -24.60
C VAL B 209 -39.59 -8.42 -24.70
N GLY B 210 -39.36 -7.64 -23.66
CA GLY B 210 -38.26 -6.80 -23.62
C GLY B 210 -37.11 -7.40 -22.84
N HIS B 211 -35.90 -7.11 -23.28
CA HIS B 211 -34.70 -7.57 -22.65
C HIS B 211 -33.79 -6.39 -22.58
N PHE B 212 -33.36 -6.06 -21.39
CA PHE B 212 -32.59 -4.86 -21.21
C PHE B 212 -31.22 -5.12 -20.56
N SER B 213 -30.25 -5.45 -21.36
CA SER B 213 -28.91 -5.54 -20.86
C SER B 213 -28.06 -5.58 -22.05
N ARG B 214 -26.80 -5.27 -21.84
CA ARG B 214 -25.79 -5.39 -22.85
C ARG B 214 -25.77 -6.79 -23.48
N LEU B 215 -25.44 -6.85 -24.77
CA LEU B 215 -25.36 -8.11 -25.46
C LEU B 215 -24.06 -8.78 -25.02
N SER B 216 -24.19 -9.91 -24.34
CA SER B 216 -23.06 -10.72 -23.93
C SER B 216 -23.62 -12.12 -23.75
N PRO B 217 -22.78 -13.14 -23.95
CA PRO B 217 -23.22 -14.54 -23.74
C PRO B 217 -23.85 -14.76 -22.34
N TRP B 218 -23.20 -14.19 -21.33
CA TRP B 218 -23.62 -14.15 -19.89
C TRP B 218 -25.06 -13.56 -19.72
N LYS B 219 -25.43 -12.58 -20.54
CA LYS B 219 -26.76 -11.97 -20.44
C LYS B 219 -27.87 -12.72 -21.16
N GLY B 220 -27.50 -13.81 -21.87
CA GLY B 220 -28.43 -14.74 -22.40
C GLY B 220 -29.45 -14.29 -23.41
N GLN B 221 -29.15 -13.30 -24.22
CA GLN B 221 -30.06 -12.96 -25.29
C GLN B 221 -30.49 -14.17 -26.17
N HIS B 222 -29.54 -15.09 -26.43
CA HIS B 222 -29.79 -16.24 -27.24
C HIS B 222 -30.88 -17.13 -26.65
N ILE B 223 -30.99 -17.18 -25.31
CA ILE B 223 -32.03 -17.96 -24.63
C ILE B 223 -33.42 -17.35 -24.98
N LEU B 224 -33.55 -15.99 -24.96
CA LEU B 224 -34.81 -15.39 -25.35
C LEU B 224 -35.11 -15.75 -26.76
N ILE B 225 -34.07 -15.67 -27.58
CA ILE B 225 -34.28 -15.92 -28.98
C ILE B 225 -34.79 -17.38 -29.24
N ASP B 226 -34.18 -18.38 -28.61
CA ASP B 226 -34.67 -19.73 -28.75
C ASP B 226 -36.10 -19.86 -28.24
N ALA B 227 -36.39 -19.17 -27.15
CA ALA B 227 -37.74 -19.21 -26.63
C ALA B 227 -38.75 -18.62 -27.58
N LEU B 228 -38.36 -17.57 -28.26
CA LEU B 228 -39.24 -16.91 -29.21
C LEU B 228 -39.62 -17.89 -30.29
N ALA B 229 -38.72 -18.79 -30.62
CA ALA B 229 -39.01 -19.82 -31.66
C ALA B 229 -40.15 -20.73 -31.27
N GLN B 230 -40.43 -20.85 -29.98
CA GLN B 230 -41.46 -21.70 -29.45
C GLN B 230 -42.76 -20.96 -29.11
N CYS B 231 -42.88 -19.70 -29.54
CA CYS B 231 -43.96 -18.84 -29.09
C CYS B 231 -44.93 -18.55 -30.23
N PRO B 232 -46.18 -18.20 -29.93
CA PRO B 232 -47.01 -17.81 -31.03
C PRO B 232 -46.42 -16.68 -31.83
N PRO B 233 -46.90 -16.54 -33.04
CA PRO B 233 -46.23 -15.64 -33.96
C PRO B 233 -46.45 -14.17 -33.62
N GLN B 234 -47.43 -13.82 -32.79
CA GLN B 234 -47.59 -12.40 -32.41
C GLN B 234 -46.53 -11.97 -31.37
N VAL B 235 -45.73 -12.94 -30.87
CA VAL B 235 -44.72 -12.64 -29.92
C VAL B 235 -43.49 -12.04 -30.62
N THR B 236 -43.08 -10.83 -30.20
CA THR B 236 -41.84 -10.21 -30.64
C THR B 236 -40.94 -9.79 -29.47
N ALA B 237 -39.66 -9.66 -29.74
CA ALA B 237 -38.67 -9.36 -28.74
C ALA B 237 -38.00 -8.04 -29.08
N ILE B 238 -37.79 -7.21 -28.07
CA ILE B 238 -36.93 -6.06 -28.16
C ILE B 238 -35.73 -6.19 -27.27
N LEU B 239 -34.53 -6.02 -27.86
CA LEU B 239 -33.24 -6.21 -27.17
C LEU B 239 -32.65 -4.85 -27.07
N VAL B 240 -32.53 -4.37 -25.84
CA VAL B 240 -32.15 -2.99 -25.58
C VAL B 240 -30.85 -3.00 -24.92
N GLY B 241 -29.88 -2.32 -25.54
CA GLY B 241 -28.52 -2.30 -25.02
C GLY B 241 -27.46 -2.33 -26.13
N ASP B 242 -26.26 -1.89 -25.79
CA ASP B 242 -25.13 -1.96 -26.73
C ASP B 242 -24.42 -3.29 -26.52
N ALA B 243 -23.63 -3.67 -27.51
CA ALA B 243 -22.82 -4.88 -27.38
C ALA B 243 -21.73 -4.67 -26.32
N LEU B 244 -21.57 -5.63 -25.42
CA LEU B 244 -20.51 -5.60 -24.41
C LEU B 244 -19.15 -5.64 -25.12
N PHE B 245 -18.23 -4.77 -24.70
CA PHE B 245 -16.84 -4.78 -25.19
C PHE B 245 -16.24 -6.20 -25.23
N GLY B 246 -15.61 -6.54 -26.35
CA GLY B 246 -15.15 -7.89 -26.59
C GLY B 246 -16.15 -8.82 -27.28
N GLU B 247 -17.46 -8.59 -27.12
CA GLU B 247 -18.52 -9.50 -27.59
C GLU B 247 -19.14 -9.30 -28.97
N GLN B 248 -18.40 -8.77 -29.94
CA GLN B 248 -18.88 -8.75 -31.33
C GLN B 248 -19.06 -10.12 -32.04
N ASP B 249 -18.37 -11.17 -31.60
CA ASP B 249 -18.65 -12.51 -32.11
C ASP B 249 -20.07 -12.96 -31.67
N TYR B 250 -20.47 -12.49 -30.50
CA TYR B 250 -21.79 -12.83 -29.93
C TYR B 250 -22.90 -12.20 -30.75
N VAL B 251 -22.82 -10.89 -30.92
CA VAL B 251 -23.71 -10.21 -31.81
C VAL B 251 -23.85 -10.97 -33.15
N LYS B 252 -22.73 -11.41 -33.75
CA LYS B 252 -22.84 -12.15 -35.04
C LYS B 252 -23.69 -13.40 -34.92
N GLU B 253 -23.44 -14.12 -33.84
CA GLU B 253 -24.04 -15.43 -33.56
C GLU B 253 -25.53 -15.23 -33.32
N LEU B 254 -25.89 -14.09 -32.74
CA LEU B 254 -27.31 -13.80 -32.49
C LEU B 254 -28.00 -13.56 -33.80
N HIS B 255 -27.44 -12.66 -34.61
CA HIS B 255 -28.03 -12.36 -35.93
C HIS B 255 -28.17 -13.64 -36.75
N GLN B 256 -27.24 -14.57 -36.64
CA GLN B 256 -27.31 -15.84 -37.38
C GLN B 256 -28.36 -16.80 -36.86
N GLN B 257 -28.50 -16.84 -35.54
CA GLN B 257 -29.50 -17.69 -34.90
C GLN B 257 -30.89 -17.12 -35.31
N ILE B 258 -31.03 -15.80 -35.18
CA ILE B 258 -32.28 -15.12 -35.56
C ILE B 258 -32.60 -15.48 -37.05
N THR B 259 -31.61 -15.29 -37.93
CA THR B 259 -31.85 -15.55 -39.38
C THR B 259 -32.17 -17.04 -39.56
N ARG B 260 -31.38 -17.90 -38.96
CA ARG B 260 -31.67 -19.31 -38.95
C ARG B 260 -33.06 -19.65 -38.52
N LEU B 261 -33.66 -18.93 -37.56
CA LEU B 261 -34.98 -19.35 -36.98
C LEU B 261 -36.14 -18.65 -37.66
N GLY B 262 -35.85 -17.72 -38.56
CA GLY B 262 -36.91 -16.92 -39.22
C GLY B 262 -37.45 -15.74 -38.42
N LEU B 263 -36.68 -15.21 -37.47
CA LEU B 263 -37.21 -14.26 -36.53
C LEU B 263 -36.77 -12.84 -36.81
N GLU B 264 -36.23 -12.57 -38.00
CA GLU B 264 -35.53 -11.29 -38.20
C GLU B 264 -36.46 -10.11 -37.99
N ASN B 265 -37.74 -10.35 -38.29
CA ASN B 265 -38.74 -9.34 -38.17
C ASN B 265 -39.49 -9.37 -36.86
N ARG B 266 -39.09 -10.30 -36.01
CA ARG B 266 -39.67 -10.50 -34.67
C ARG B 266 -38.70 -10.15 -33.53
N VAL B 267 -37.51 -9.65 -33.89
CA VAL B 267 -36.51 -9.23 -32.91
C VAL B 267 -36.02 -7.85 -33.34
N LYS B 268 -36.13 -6.84 -32.46
CA LYS B 268 -35.52 -5.54 -32.71
C LYS B 268 -34.30 -5.30 -31.82
N PHE B 269 -33.18 -4.87 -32.38
CA PHE B 269 -32.07 -4.44 -31.61
C PHE B 269 -32.09 -2.92 -31.53
N LEU B 270 -32.40 -2.33 -30.38
CA LEU B 270 -32.52 -0.89 -30.29
C LEU B 270 -31.25 -0.16 -30.05
N GLY B 271 -30.21 -0.86 -29.64
CA GLY B 271 -28.99 -0.18 -29.28
C GLY B 271 -29.07 0.41 -27.89
N PHE B 272 -28.19 1.36 -27.60
CA PHE B 272 -28.23 1.95 -26.30
C PHE B 272 -29.41 2.89 -26.20
N ARG B 273 -30.16 2.75 -25.14
CA ARG B 273 -31.26 3.63 -24.81
C ARG B 273 -31.22 4.14 -23.39
N ALA B 274 -31.33 5.44 -23.19
CA ALA B 274 -31.59 6.02 -21.88
C ALA B 274 -32.99 5.82 -21.33
N ASP B 275 -33.98 5.88 -22.20
CA ASP B 275 -35.36 5.89 -21.82
C ASP B 275 -35.89 4.49 -21.52
N ILE B 276 -35.27 3.82 -20.58
CA ILE B 276 -35.62 2.46 -20.26
C ILE B 276 -37.01 2.29 -19.69
N PRO B 277 -37.35 3.28 -18.76
CA PRO B 277 -38.67 3.08 -18.14
C PRO B 277 -39.76 3.08 -19.19
N GLN B 278 -39.68 3.99 -20.12
CA GLN B 278 -40.68 4.11 -21.18
C GLN B 278 -40.72 2.88 -22.10
N LEU B 279 -39.57 2.39 -22.54
CA LEU B 279 -39.50 1.11 -23.29
C LEU B 279 -40.03 -0.05 -22.51
N MET B 280 -39.72 -0.12 -21.21
CA MET B 280 -40.32 -1.15 -20.37
C MET B 280 -41.85 -1.12 -20.34
N ALA B 281 -42.39 0.08 -20.19
CA ALA B 281 -43.83 0.30 -20.17
C ALA B 281 -44.48 -0.16 -21.50
N ALA B 282 -43.77 -0.05 -22.59
CA ALA B 282 -44.28 -0.47 -23.89
C ALA B 282 -44.19 -1.99 -24.06
N CYS B 283 -43.39 -2.69 -23.27
CA CYS B 283 -43.37 -4.16 -23.30
C CYS B 283 -44.60 -4.75 -22.65
N ASP B 284 -44.86 -6.01 -22.91
CA ASP B 284 -45.88 -6.72 -22.21
C ASP B 284 -45.26 -7.67 -21.15
N LEU B 285 -43.98 -7.95 -21.25
CA LEU B 285 -43.25 -8.80 -20.34
C LEU B 285 -41.81 -8.37 -20.45
N VAL B 286 -41.09 -8.33 -19.30
CA VAL B 286 -39.71 -8.02 -19.28
C VAL B 286 -38.99 -9.30 -18.90
N ALA B 287 -37.96 -9.67 -19.66
CA ALA B 287 -37.21 -10.87 -19.37
C ALA B 287 -35.77 -10.62 -19.07
N HIS B 288 -35.33 -11.18 -17.97
CA HIS B 288 -33.92 -11.26 -17.59
C HIS B 288 -33.55 -12.75 -17.79
N THR B 289 -32.50 -13.05 -18.55
CA THR B 289 -32.25 -14.44 -18.97
C THR B 289 -30.77 -14.80 -18.79
N SER B 290 -30.08 -14.08 -17.89
CA SER B 290 -28.64 -14.28 -17.64
C SER B 290 -28.32 -15.72 -17.24
N THR B 291 -27.18 -16.21 -17.70
CA THR B 291 -26.80 -17.63 -17.53
C THR B 291 -25.76 -17.77 -16.43
N ALA B 292 -25.37 -16.65 -15.84
CA ALA B 292 -24.48 -16.70 -14.69
C ALA B 292 -25.16 -15.93 -13.55
N PRO B 293 -25.04 -16.40 -12.30
CA PRO B 293 -25.75 -15.71 -11.19
C PRO B 293 -25.26 -14.31 -11.11
N GLU B 294 -26.16 -13.37 -10.92
CA GLU B 294 -25.84 -11.97 -10.78
C GLU B 294 -26.25 -11.49 -9.38
N PRO B 295 -25.50 -10.55 -8.85
CA PRO B 295 -25.71 -10.23 -7.42
C PRO B 295 -27.00 -9.50 -7.17
N PHE B 296 -27.46 -8.70 -8.14
CA PHE B 296 -28.68 -7.87 -7.96
C PHE B 296 -29.13 -7.35 -9.33
N GLY B 297 -30.16 -7.93 -9.85
CA GLY B 297 -30.68 -7.45 -11.16
C GLY B 297 -31.45 -6.10 -11.11
N ARG B 298 -30.77 -4.98 -11.35
CA ARG B 298 -31.44 -3.65 -11.44
C ARG B 298 -32.61 -3.68 -12.37
N VAL B 299 -32.46 -4.33 -13.51
CA VAL B 299 -33.51 -4.39 -14.52
C VAL B 299 -34.76 -5.09 -14.06
N ILE B 300 -34.58 -6.06 -13.19
CA ILE B 300 -35.72 -6.80 -12.71
C ILE B 300 -36.56 -5.83 -11.80
N VAL B 301 -35.89 -5.16 -10.91
CA VAL B 301 -36.58 -4.16 -10.04
C VAL B 301 -37.25 -3.05 -10.86
N GLU B 302 -36.53 -2.54 -11.84
CA GLU B 302 -37.07 -1.47 -12.68
C GLU B 302 -38.36 -1.91 -13.37
N ALA B 303 -38.37 -3.14 -13.88
CA ALA B 303 -39.53 -3.69 -14.56
C ALA B 303 -40.69 -3.78 -13.65
N MET B 304 -40.41 -4.24 -12.42
CA MET B 304 -41.39 -4.34 -11.35
C MET B 304 -41.95 -2.95 -11.01
N LEU B 305 -41.08 -1.95 -10.90
CA LEU B 305 -41.55 -0.57 -10.57
C LEU B 305 -42.32 0.02 -11.76
N CYS B 306 -42.06 -0.50 -12.97
CA CYS B 306 -42.88 -0.14 -14.13
C CYS B 306 -44.26 -0.79 -14.13
N GLY B 307 -44.57 -1.53 -13.08
CA GLY B 307 -45.75 -2.38 -13.08
C GLY B 307 -45.81 -3.46 -14.20
N LYS B 308 -44.71 -4.10 -14.52
CA LYS B 308 -44.69 -5.09 -15.60
C LYS B 308 -44.51 -6.53 -15.11
N PRO B 309 -45.09 -7.47 -15.82
CA PRO B 309 -44.69 -8.84 -15.52
C PRO B 309 -43.22 -9.00 -15.83
N VAL B 310 -42.53 -9.69 -14.96
CA VAL B 310 -41.09 -9.92 -15.11
C VAL B 310 -40.80 -11.43 -14.96
N VAL B 311 -39.93 -11.94 -15.81
CA VAL B 311 -39.44 -13.33 -15.70
C VAL B 311 -37.95 -13.21 -15.59
N ALA B 312 -37.38 -13.92 -14.66
CA ALA B 312 -35.97 -13.82 -14.43
C ALA B 312 -35.38 -15.21 -14.28
N ALA B 313 -34.08 -15.28 -14.44
CA ALA B 313 -33.36 -16.55 -14.26
C ALA B 313 -33.23 -16.73 -12.77
N LYS B 314 -33.46 -17.97 -12.31
CA LYS B 314 -33.46 -18.34 -10.92
C LYS B 314 -32.04 -18.68 -10.46
N ALA B 315 -31.30 -17.63 -10.12
CA ALA B 315 -29.92 -17.68 -9.65
C ALA B 315 -29.58 -16.32 -9.02
N GLY B 316 -28.65 -16.30 -8.08
CA GLY B 316 -28.10 -15.07 -7.58
C GLY B 316 -29.16 -14.16 -6.95
N GLY B 317 -29.05 -12.84 -7.13
CA GLY B 317 -30.00 -11.90 -6.50
C GLY B 317 -31.45 -11.99 -6.95
N ALA B 318 -31.70 -12.51 -8.18
CA ALA B 318 -33.05 -12.66 -8.74
C ALA B 318 -34.04 -13.38 -7.79
N MET B 319 -33.55 -14.41 -7.13
CA MET B 319 -34.34 -15.21 -6.21
C MET B 319 -34.84 -14.38 -5.01
N GLU B 320 -34.14 -13.33 -4.61
CA GLU B 320 -34.61 -12.53 -3.46
C GLU B 320 -35.54 -11.46 -3.94
N LEU B 321 -35.53 -11.20 -5.24
CA LEU B 321 -36.30 -10.07 -5.74
C LEU B 321 -37.71 -10.52 -6.15
N VAL B 322 -37.87 -11.77 -6.52
CA VAL B 322 -39.13 -12.19 -7.16
C VAL B 322 -39.61 -13.34 -6.37
N GLU B 323 -40.86 -13.32 -5.94
CA GLU B 323 -41.51 -14.60 -5.53
C GLU B 323 -42.38 -15.14 -6.68
N HIS B 324 -42.08 -16.37 -7.07
CA HIS B 324 -42.60 -16.99 -8.26
C HIS B 324 -44.06 -17.13 -8.20
N GLY B 325 -44.72 -16.54 -9.18
CA GLY B 325 -46.16 -16.48 -9.28
C GLY B 325 -46.82 -15.36 -8.48
N VAL B 326 -46.10 -14.69 -7.63
CA VAL B 326 -46.67 -13.62 -6.81
C VAL B 326 -46.42 -12.28 -7.42
N ASN B 327 -45.13 -11.97 -7.72
CA ASN B 327 -44.76 -10.65 -8.27
C ASN B 327 -43.79 -10.75 -9.44
N GLY B 328 -43.71 -11.92 -10.01
CA GLY B 328 -42.93 -12.17 -11.20
C GLY B 328 -42.87 -13.71 -11.41
N PHE B 329 -41.99 -14.16 -12.30
CA PHE B 329 -41.77 -15.57 -12.54
C PHE B 329 -40.27 -15.82 -12.60
N LEU B 330 -39.89 -17.00 -12.15
CA LEU B 330 -38.46 -17.42 -12.10
C LEU B 330 -38.36 -18.68 -12.93
N THR B 331 -37.28 -18.82 -13.69
CA THR B 331 -37.05 -19.96 -14.58
C THR B 331 -35.60 -20.47 -14.48
N THR B 332 -35.40 -21.77 -14.67
CA THR B 332 -34.07 -22.33 -14.60
C THR B 332 -33.16 -21.67 -15.60
N PRO B 333 -31.99 -21.24 -15.17
CA PRO B 333 -31.18 -20.51 -16.11
C PRO B 333 -30.73 -21.37 -17.30
N GLY B 334 -30.73 -20.74 -18.46
CA GLY B 334 -30.34 -21.37 -19.66
C GLY B 334 -31.41 -22.25 -20.26
N GLU B 335 -32.61 -22.34 -19.70
CA GLU B 335 -33.63 -23.23 -20.30
C GLU B 335 -34.69 -22.46 -21.12
N SER B 336 -34.59 -22.51 -22.44
CA SER B 336 -35.42 -21.66 -23.26
C SER B 336 -36.84 -22.16 -23.26
N GLN B 337 -37.03 -23.48 -23.08
CA GLN B 337 -38.43 -23.94 -23.06
C GLN B 337 -39.26 -23.37 -21.88
N GLU B 338 -38.65 -23.32 -20.72
CA GLU B 338 -39.32 -22.91 -19.51
C GLU B 338 -39.68 -21.42 -19.67
N LEU B 339 -38.81 -20.68 -20.34
CA LEU B 339 -39.08 -19.27 -20.68
C LEU B 339 -40.24 -19.14 -21.60
N ALA B 340 -40.32 -20.05 -22.58
CA ALA B 340 -41.42 -20.00 -23.54
C ALA B 340 -42.75 -20.28 -22.79
N ASN B 341 -42.73 -21.20 -21.87
CA ASN B 341 -43.92 -21.55 -21.10
C ASN B 341 -44.44 -20.40 -20.28
N ILE B 342 -43.51 -19.65 -19.68
CA ILE B 342 -43.90 -18.37 -19.03
C ILE B 342 -44.53 -17.39 -19.98
N ILE B 343 -43.92 -17.21 -21.15
CA ILE B 343 -44.43 -16.20 -22.15
C ILE B 343 -45.85 -16.58 -22.55
N ASN B 344 -45.99 -17.84 -22.86
CA ASN B 344 -47.31 -18.36 -23.16
C ASN B 344 -48.31 -18.22 -22.00
N THR B 345 -47.89 -18.46 -20.75
CA THR B 345 -48.76 -18.24 -19.62
C THR B 345 -49.22 -16.80 -19.56
N CYS B 346 -48.29 -15.89 -19.86
CA CYS B 346 -48.60 -14.45 -19.90
C CYS B 346 -49.60 -14.13 -20.99
N ILE B 347 -49.57 -14.87 -22.10
CA ILE B 347 -50.49 -14.56 -23.21
C ILE B 347 -51.87 -15.05 -22.88
N GLU B 348 -51.93 -16.23 -22.29
CA GLU B 348 -53.20 -16.93 -22.04
C GLU B 348 -53.93 -16.57 -20.74
N ASP B 349 -53.25 -16.14 -19.66
CA ASP B 349 -53.98 -15.64 -18.49
C ASP B 349 -53.67 -14.17 -18.23
N THR B 350 -54.32 -13.34 -18.98
CA THR B 350 -54.22 -11.91 -18.90
C THR B 350 -54.52 -11.37 -17.52
N GLN B 351 -55.57 -11.86 -16.87
CA GLN B 351 -55.96 -11.33 -15.56
C GLN B 351 -54.97 -11.65 -14.48
N LYS B 352 -54.57 -12.92 -14.42
CA LYS B 352 -53.59 -13.33 -13.49
C LYS B 352 -52.28 -12.52 -13.68
N THR B 353 -51.89 -12.39 -14.94
CA THR B 353 -50.70 -11.68 -15.29
C THR B 353 -50.76 -10.19 -14.87
N ALA B 354 -51.90 -9.52 -15.07
CA ALA B 354 -52.06 -8.13 -14.58
C ALA B 354 -52.04 -8.07 -13.06
N THR B 355 -52.49 -9.10 -12.32
CA THR B 355 -52.45 -9.00 -10.87
C THR B 355 -51.01 -9.10 -10.37
N ILE B 356 -50.27 -10.02 -10.95
CA ILE B 356 -48.86 -10.17 -10.65
C ILE B 356 -48.05 -8.94 -10.90
N ALA B 357 -48.25 -8.34 -12.05
CA ALA B 357 -47.66 -7.08 -12.42
C ALA B 357 -47.96 -5.93 -11.41
N SER B 358 -49.24 -5.84 -11.05
CA SER B 358 -49.69 -4.91 -10.04
C SER B 358 -49.03 -5.22 -8.69
N ASN B 359 -49.01 -6.49 -8.31
CA ASN B 359 -48.30 -6.88 -7.07
C ASN B 359 -46.82 -6.46 -7.10
N ALA B 360 -46.17 -6.63 -8.25
CA ALA B 360 -44.78 -6.35 -8.32
C ALA B 360 -44.54 -4.85 -8.11
N GLN B 361 -45.39 -4.01 -8.65
CA GLN B 361 -45.19 -2.59 -8.43
C GLN B 361 -45.23 -2.22 -6.98
N ALA B 362 -46.22 -2.74 -6.28
CA ALA B 362 -46.43 -2.45 -4.83
C ALA B 362 -45.29 -2.93 -3.99
N ILE B 363 -44.78 -4.14 -4.27
CA ILE B 363 -43.78 -4.69 -3.41
C ILE B 363 -42.43 -4.02 -3.76
N ALA B 364 -42.17 -3.75 -5.03
CA ALA B 364 -40.89 -3.13 -5.40
C ALA B 364 -40.84 -1.71 -4.80
N SER B 365 -41.96 -1.02 -4.79
CA SER B 365 -42.00 0.36 -4.22
C SER B 365 -41.69 0.32 -2.74
N GLN B 366 -42.22 -0.71 -2.08
CA GLN B 366 -41.99 -0.88 -0.65
C GLN B 366 -40.52 -1.20 -0.38
N ARG B 367 -39.93 -2.15 -1.12
CA ARG B 367 -38.61 -2.61 -0.79
C ARG B 367 -37.46 -1.77 -1.30
N PHE B 368 -37.60 -1.19 -2.48
CA PHE B 368 -36.47 -0.60 -3.17
C PHE B 368 -36.52 0.90 -3.40
N ASP B 369 -37.43 1.50 -2.71
CA ASP B 369 -37.53 2.99 -2.76
C ASP B 369 -36.24 3.60 -2.22
N VAL B 370 -35.62 4.41 -3.05
CA VAL B 370 -34.42 5.16 -2.72
C VAL B 370 -34.49 5.98 -1.49
N VAL B 371 -35.68 6.42 -1.11
CA VAL B 371 -35.80 7.18 0.09
C VAL B 371 -35.52 6.26 1.27
N THR B 372 -36.12 5.07 1.21
CA THR B 372 -35.93 4.08 2.26
C THR B 372 -34.50 3.55 2.28
N ILE B 373 -33.99 3.24 1.10
CA ILE B 373 -32.61 2.79 1.00
C ILE B 373 -31.64 3.85 1.49
N ASN B 374 -31.88 5.11 1.16
CA ASN B 374 -30.98 6.14 1.66
C ASN B 374 -31.08 6.21 3.19
N GLN B 375 -32.25 5.96 3.77
CA GLN B 375 -32.39 6.01 5.24
C GLN B 375 -31.58 4.89 5.87
N GLN B 376 -31.64 3.71 5.29
CA GLN B 376 -30.85 2.56 5.85
C GLN B 376 -29.35 2.81 5.78
N ILE B 377 -28.90 3.42 4.66
CA ILE B 377 -27.47 3.79 4.51
C ILE B 377 -27.08 4.82 5.60
N ALA B 378 -27.87 5.89 5.73
CA ALA B 378 -27.56 6.95 6.74
C ALA B 378 -27.47 6.39 8.17
N GLU B 379 -28.44 5.56 8.52
CA GLU B 379 -28.50 4.97 9.84
C GLU B 379 -27.34 3.98 10.06
N THR B 380 -27.03 3.20 9.07
CA THR B 380 -25.90 2.34 9.16
C THR B 380 -24.57 3.16 9.36
N LEU B 381 -24.35 4.17 8.54
CA LEU B 381 -23.20 5.02 8.70
C LEU B 381 -23.16 5.71 10.07
N SER B 382 -24.33 6.10 10.58
CA SER B 382 -24.34 6.87 11.82
C SER B 382 -24.03 5.94 12.97
N SER B 383 -24.43 4.66 12.88
CA SER B 383 -24.06 3.66 13.87
C SER B 383 -22.55 3.41 13.96
N LEU B 384 -21.74 3.94 13.04
CA LEU B 384 -20.26 3.93 13.18
C LEU B 384 -19.77 5.15 13.94
C1 GOL C . 23.44 1.72 11.74
O1 GOL C . 22.97 1.01 12.89
C2 GOL C . 24.21 2.88 12.35
O2 GOL C . 25.57 2.47 12.37
C3 GOL C . 23.99 4.15 11.56
O3 GOL C . 25.19 4.51 10.89
C1 GOL D . 18.13 -4.01 25.50
O1 GOL D . 17.89 -5.15 24.58
C2 GOL D . 17.14 -2.81 25.45
O2 GOL D . 15.89 -3.37 25.21
C3 GOL D . 17.06 -1.89 26.70
O3 GOL D . 15.69 -1.38 26.84
C1 GOL E . -16.82 18.34 -10.85
O1 GOL E . -15.88 18.03 -9.80
C2 GOL E . -18.21 17.88 -10.43
O2 GOL E . -18.16 17.32 -9.12
C3 GOL E . -19.17 19.07 -10.45
O3 GOL E . -20.02 19.00 -9.30
C1 GOL F . -25.19 -4.73 -9.87
O1 GOL F . -24.92 -4.43 -11.25
C2 GOL F . -25.75 -3.40 -9.39
O2 GOL F . -27.05 -3.64 -8.88
C3 GOL F . -24.87 -2.85 -8.32
O3 GOL F . -25.33 -3.34 -7.07
#